data_6V1Q
#
_entry.id   6V1Q
#
_cell.length_a   1.00
_cell.length_b   1.00
_cell.length_c   1.00
_cell.angle_alpha   90.00
_cell.angle_beta   90.00
_cell.angle_gamma   90.00
#
_symmetry.space_group_name_H-M   'P 1'
#
loop_
_entity.id
_entity.type
_entity.pdbx_description
1 polymer 'Two pore channel 3'
2 non-polymer 'SODIUM ION'
#
_entity_poly.entity_id   1
_entity_poly.type   'polypeptide(L)'
_entity_poly.pdbx_seq_one_letter_code
;MSEGKTEKTSHTLTKDEGFTNGGNHVPSNVTDQMTEKFDLATVYVSDAKYNRNIFFDTSPQAVKLYLLYNHWFMQTLVYV
FIIINLALALFEDPAVVPLPIWATSTIETICLSAFTVRIIHYAKVIPKDKFWKDPKNICIIIIVTLSFIDMVIYGALKAT
GHYGIRWSRVLRPLLLVNVTEGRQLRRAFRSIRNALPQISYVFFLFMFSVLVFSLMALKLFGKRGLLTINGSPYFTDYMD
IVFDLYVLVTTANSPDVMMPAYNSSVYFTIFFILYIVINTYTFMSFFLAVVYNNYKKYLKEEVRQLVKAKRIKMCRAFSL
LQENRGEGGEPVVTQANWNHLVKLVKPKISTAHRELLWSVLDDQNKGHIGKFAFVQLADLLSIQVITVKSQAHPIQICFP
SLYNSLPSRFIRQMVHHRVFVYAYDLIILVNAVFIGLDEENPVVSNAEWGFLALYMLEILLKLYATEPRAFFARHQFWNW
FDTIIVVSALFGTIINSALKHSGGYTSRQVLDIVFILRVLRLIRVVDSIKRFRAIINTLIKIGPTILTFGQLILVVYYIF
AMVGMELFKGKIQFFEPNSTSPDREYCGNPLLKSTSFAKLNYCKNNFNDVISSFILLLELTVVNQWHVLTSGFTAVTHVS
ARLFFVIFHIVVVIIIINIFVAFILEAFLVEYTVDKSELQTSLEKKIEELELNVQQDGVDTGLVDAMETNDSDLGSSEDG
KRKPSLMFKIASRRSRTVDGLLQRMFETDLRPEDFNEEELDNTNFSNPVFDSV
;
_entity_poly.pdbx_strand_id   A,B
#
loop_
_chem_comp.id
_chem_comp.type
_chem_comp.name
_chem_comp.formula
NA non-polymer 'SODIUM ION' 'Na 1'
#
# COMPACT_ATOMS: atom_id res chain seq x y z
N MET A 34 -2.80 31.64 49.56
CA MET A 34 -2.77 33.00 50.09
C MET A 34 -1.66 33.82 49.45
N THR A 35 -0.67 34.21 50.26
CA THR A 35 0.40 35.07 49.77
C THR A 35 1.28 34.40 48.72
N GLU A 36 1.42 33.08 48.77
CA GLU A 36 2.18 32.35 47.77
C GLU A 36 1.47 31.12 47.23
N LYS A 37 0.42 30.64 47.92
CA LYS A 37 -0.35 29.51 47.39
C LYS A 37 -1.09 29.90 46.13
N PHE A 38 -1.46 31.17 46.01
CA PHE A 38 -2.04 31.66 44.77
C PHE A 38 -1.15 31.35 43.58
N ASP A 39 0.17 31.50 43.73
CA ASP A 39 1.08 31.23 42.62
C ASP A 39 1.15 29.74 42.32
N LEU A 40 1.23 28.90 43.37
CA LEU A 40 1.08 27.47 43.17
C LEU A 40 -0.22 27.15 42.45
N ALA A 41 -1.30 27.83 42.80
CA ALA A 41 -2.56 27.61 42.11
C ALA A 41 -2.47 28.00 40.64
N THR A 42 -1.84 29.13 40.33
CA THR A 42 -1.68 29.50 38.93
C THR A 42 -0.89 28.46 38.16
N VAL A 43 0.21 27.99 38.74
CA VAL A 43 1.05 27.04 38.00
C VAL A 43 0.37 25.68 37.94
N TYR A 44 -0.65 25.45 38.77
CA TYR A 44 -1.43 24.21 38.63
C TYR A 44 -2.54 24.37 37.60
N VAL A 45 -3.04 25.59 37.42
CA VAL A 45 -4.15 25.83 36.51
C VAL A 45 -3.63 26.22 35.13
N SER A 46 -2.54 26.98 35.09
CA SER A 46 -2.04 27.52 33.83
C SER A 46 -1.63 26.42 32.87
N ASP A 47 -1.57 25.18 33.34
CA ASP A 47 -1.33 24.03 32.50
C ASP A 47 -2.67 23.32 32.27
N ALA A 48 -3.44 23.86 31.33
CA ALA A 48 -4.62 23.20 30.81
C ALA A 48 -4.28 22.21 29.71
N LYS A 49 -3.00 21.95 29.47
CA LYS A 49 -2.56 21.04 28.42
C LYS A 49 -1.51 20.04 28.86
N TYR A 50 -0.76 20.29 29.94
CA TYR A 50 0.35 19.44 30.32
C TYR A 50 -0.14 18.18 31.04
N ASN A 51 0.83 17.36 31.45
CA ASN A 51 0.55 16.16 32.24
C ASN A 51 1.84 15.82 32.99
N ARG A 52 1.87 16.16 34.28
CA ARG A 52 2.99 15.85 35.15
C ARG A 52 2.65 16.31 36.56
N ASN A 53 3.50 15.94 37.51
CA ASN A 53 3.45 16.49 38.85
C ASN A 53 4.70 17.31 39.11
N ILE A 54 4.56 18.36 39.91
CA ILE A 54 5.66 19.27 40.19
C ILE A 54 5.94 19.22 41.68
N PHE A 55 6.92 19.98 42.14
CA PHE A 55 7.07 20.21 43.56
C PHE A 55 6.10 21.31 43.98
N PHE A 56 5.13 20.96 44.82
CA PHE A 56 4.30 21.99 45.43
C PHE A 56 5.18 22.90 46.26
N ASP A 57 5.10 24.20 45.99
CA ASP A 57 6.09 25.13 46.52
C ASP A 57 6.12 25.12 48.04
N THR A 58 7.32 24.97 48.59
CA THR A 58 7.60 25.25 50.00
C THR A 58 8.72 26.26 50.15
N SER A 59 9.78 26.13 49.34
CA SER A 59 10.81 27.15 49.25
C SER A 59 10.50 28.05 48.07
N PRO A 60 10.26 29.34 48.30
CA PRO A 60 9.65 30.19 47.25
C PRO A 60 10.41 30.23 45.93
N GLN A 61 11.64 29.73 45.88
CA GLN A 61 12.36 29.68 44.61
C GLN A 61 12.18 28.34 43.90
N ALA A 62 11.68 27.32 44.60
CA ALA A 62 11.54 25.99 44.02
C ALA A 62 10.26 25.83 43.19
N VAL A 63 9.54 26.93 42.95
CA VAL A 63 8.44 26.90 41.99
C VAL A 63 8.75 27.94 40.93
N LYS A 64 9.52 28.96 41.32
CA LYS A 64 10.07 29.86 40.32
C LYS A 64 10.97 29.09 39.37
N LEU A 65 11.71 28.11 39.89
CA LEU A 65 12.54 27.27 39.03
C LEU A 65 11.69 26.45 38.08
N TYR A 66 10.48 26.07 38.49
CA TYR A 66 9.59 25.38 37.57
C TYR A 66 9.08 26.33 36.50
N LEU A 67 8.60 27.50 36.92
CA LEU A 67 8.08 28.49 35.97
C LEU A 67 9.14 28.85 34.94
N LEU A 68 10.40 28.92 35.37
CA LEU A 68 11.50 29.13 34.45
C LEU A 68 11.75 27.88 33.61
N TYR A 69 11.56 26.70 34.20
CA TYR A 69 11.78 25.47 33.46
C TYR A 69 10.82 25.35 32.30
N ASN A 70 9.52 25.37 32.58
CA ASN A 70 8.53 25.24 31.53
C ASN A 70 8.42 26.49 30.67
N HIS A 71 9.21 27.53 30.93
CA HIS A 71 9.16 28.75 30.14
C HIS A 71 9.49 28.45 28.69
N TRP A 72 8.65 28.94 27.78
CA TRP A 72 8.72 28.64 26.36
C TRP A 72 10.14 28.71 25.79
N PHE A 73 10.95 29.66 26.27
CA PHE A 73 12.26 29.84 25.67
C PHE A 73 13.18 28.68 26.01
N MET A 74 13.17 28.21 27.26
CA MET A 74 13.95 27.02 27.58
C MET A 74 13.42 25.80 26.86
N GLN A 75 12.11 25.71 26.68
CA GLN A 75 11.52 24.59 25.97
C GLN A 75 11.95 24.55 24.51
N THR A 76 12.14 25.71 23.89
CA THR A 76 12.61 25.71 22.51
C THR A 76 14.12 25.66 22.43
N LEU A 77 14.81 26.09 23.49
CA LEU A 77 16.25 26.01 23.54
C LEU A 77 16.73 24.58 23.65
N VAL A 78 16.05 23.76 24.46
CA VAL A 78 16.40 22.35 24.50
C VAL A 78 16.17 21.68 23.15
N TYR A 79 15.14 22.09 22.41
CA TYR A 79 14.89 21.45 21.13
C TYR A 79 15.88 21.91 20.07
N VAL A 80 16.27 23.18 20.08
CA VAL A 80 17.33 23.58 19.15
C VAL A 80 18.66 22.96 19.54
N PHE A 81 18.90 22.68 20.82
CA PHE A 81 20.11 21.97 21.20
C PHE A 81 20.06 20.50 20.82
N ILE A 82 18.89 19.89 20.79
CA ILE A 82 18.76 18.55 20.25
C ILE A 82 18.99 18.55 18.74
N ILE A 83 18.48 19.57 18.06
CA ILE A 83 18.62 19.64 16.61
C ILE A 83 20.07 19.89 16.23
N ILE A 84 20.78 20.72 16.99
CA ILE A 84 22.21 20.90 16.75
C ILE A 84 22.93 19.58 16.93
N ASN A 85 22.60 18.84 17.99
CA ASN A 85 23.27 17.58 18.26
C ASN A 85 23.01 16.58 17.14
N LEU A 86 21.78 16.54 16.63
CA LEU A 86 21.48 15.64 15.52
C LEU A 86 22.19 16.07 14.25
N ALA A 87 21.94 17.29 13.80
CA ALA A 87 22.53 17.83 12.58
C ALA A 87 24.04 17.94 12.67
N LEU A 88 24.63 17.60 13.80
CA LEU A 88 26.07 17.42 13.82
C LEU A 88 26.52 16.30 12.88
N ALA A 89 25.63 15.37 12.56
CA ALA A 89 25.97 14.28 11.65
C ALA A 89 26.28 14.76 10.25
N LEU A 90 25.95 16.02 9.92
CA LEU A 90 26.32 16.58 8.63
C LEU A 90 27.82 16.73 8.51
N PHE A 91 28.55 16.71 9.62
CA PHE A 91 29.97 17.02 9.61
C PHE A 91 30.87 15.89 10.05
N GLU A 92 30.34 14.85 10.71
CA GLU A 92 31.27 14.09 11.52
C GLU A 92 32.06 12.98 10.81
N ASP A 93 31.47 11.79 10.63
CA ASP A 93 32.36 10.75 10.13
C ASP A 93 32.34 10.66 8.60
N PRO A 94 31.19 10.34 7.95
CA PRO A 94 31.03 10.76 6.55
C PRO A 94 30.31 12.10 6.51
N ALA A 95 30.95 13.13 5.97
CA ALA A 95 30.43 14.48 6.11
C ALA A 95 30.03 15.05 4.77
N VAL A 96 28.92 15.80 4.76
CA VAL A 96 28.67 16.69 3.65
C VAL A 96 29.58 17.90 3.75
N VAL A 97 29.91 18.32 4.97
CA VAL A 97 30.87 19.37 5.24
C VAL A 97 31.89 18.85 6.23
N PRO A 98 33.08 18.48 5.79
CA PRO A 98 34.06 17.89 6.71
C PRO A 98 34.54 18.88 7.74
N LEU A 99 34.27 18.61 9.01
CA LEU A 99 34.66 19.45 10.12
C LEU A 99 35.60 18.70 11.05
N PRO A 100 36.68 19.34 11.52
CA PRO A 100 37.66 18.62 12.34
C PRO A 100 37.03 18.07 13.60
N ILE A 101 37.56 16.93 14.04
CA ILE A 101 36.99 16.23 15.19
C ILE A 101 37.02 17.10 16.44
N TRP A 102 38.05 17.91 16.62
CA TRP A 102 38.08 18.81 17.77
C TRP A 102 36.95 19.84 17.70
N ALA A 103 36.49 20.15 16.50
CA ALA A 103 35.47 21.17 16.29
C ALA A 103 34.06 20.62 16.30
N THR A 104 33.87 19.40 15.82
CA THR A 104 32.56 18.75 15.90
C THR A 104 32.41 17.94 17.16
N SER A 105 33.42 17.95 18.04
CA SER A 105 33.25 17.45 19.39
C SER A 105 32.95 18.55 20.38
N THR A 106 33.50 19.75 20.19
CA THR A 106 33.20 20.86 21.08
C THR A 106 31.85 21.50 20.79
N ILE A 107 31.11 21.00 19.80
CA ILE A 107 29.73 21.44 19.64
C ILE A 107 28.79 20.54 20.41
N GLU A 108 28.96 19.23 20.28
CA GLU A 108 28.17 18.32 21.08
C GLU A 108 28.66 18.23 22.51
N THR A 109 29.78 18.86 22.82
CA THR A 109 30.09 19.02 24.24
C THR A 109 29.18 20.06 24.87
N ILE A 110 28.96 21.18 24.19
CA ILE A 110 28.00 22.16 24.69
C ILE A 110 26.56 21.69 24.54
N CYS A 111 26.26 20.83 23.57
CA CYS A 111 24.92 20.26 23.51
C CYS A 111 24.66 19.33 24.69
N LEU A 112 25.59 18.43 24.98
CA LEU A 112 25.45 17.57 26.14
C LEU A 112 25.50 18.36 27.45
N SER A 113 26.24 19.46 27.49
CA SER A 113 26.20 20.32 28.66
C SER A 113 24.87 21.03 28.81
N ALA A 114 24.24 21.43 27.71
CA ALA A 114 22.89 21.98 27.79
C ALA A 114 21.92 20.96 28.34
N PHE A 115 22.02 19.71 27.86
CA PHE A 115 21.14 18.67 28.40
C PHE A 115 21.43 18.38 29.87
N THR A 116 22.70 18.39 30.26
CA THR A 116 23.05 18.18 31.67
C THR A 116 22.49 19.29 32.54
N VAL A 117 22.68 20.56 32.12
CA VAL A 117 22.16 21.70 32.86
C VAL A 117 20.64 21.69 32.90
N ARG A 118 19.98 21.21 31.87
CA ARG A 118 18.53 21.06 31.92
C ARG A 118 18.09 19.95 32.85
N ILE A 119 18.82 18.83 32.89
CA ILE A 119 18.39 17.71 33.71
C ILE A 119 18.66 17.97 35.19
N ILE A 120 19.75 18.67 35.51
CA ILE A 120 19.97 19.01 36.90
C ILE A 120 19.02 20.10 37.34
N HIS A 121 18.62 20.98 36.43
CA HIS A 121 17.59 21.96 36.75
C HIS A 121 16.24 21.29 36.98
N TYR A 122 15.90 20.30 36.15
CA TYR A 122 14.70 19.51 36.39
C TYR A 122 14.74 18.79 37.73
N ALA A 123 15.90 18.20 38.07
CA ALA A 123 16.05 17.60 39.38
C ALA A 123 15.91 18.63 40.50
N LYS A 124 16.28 19.87 40.25
CA LYS A 124 16.03 20.96 41.18
C LYS A 124 14.58 21.37 41.21
N VAL A 125 13.80 20.99 40.20
CA VAL A 125 12.35 21.23 40.23
C VAL A 125 11.61 20.12 40.95
N ILE A 126 11.79 18.87 40.53
CA ILE A 126 11.11 17.72 41.13
C ILE A 126 11.89 17.26 42.35
N PRO A 127 11.24 17.00 43.49
CA PRO A 127 11.98 16.55 44.67
C PRO A 127 12.69 15.24 44.41
N LYS A 128 13.68 14.93 45.26
CA LYS A 128 14.51 13.76 45.03
C LYS A 128 13.81 12.50 45.51
N ASP A 129 12.56 12.32 45.08
CA ASP A 129 11.82 11.09 45.33
C ASP A 129 11.36 10.41 44.05
N LYS A 130 10.74 11.16 43.15
CA LYS A 130 10.29 10.61 41.87
C LYS A 130 11.23 10.96 40.72
N PHE A 131 12.22 11.80 40.96
CA PHE A 131 13.19 12.11 39.91
C PHE A 131 13.99 10.87 39.55
N TRP A 132 14.24 10.00 40.51
CA TRP A 132 15.17 8.91 40.30
C TRP A 132 14.52 7.67 39.72
N LYS A 133 13.25 7.61 39.86
CA LYS A 133 12.56 6.53 39.40
C LYS A 133 12.14 6.67 38.01
N ASP A 134 11.97 7.83 37.46
CA ASP A 134 11.47 7.90 36.09
C ASP A 134 12.42 7.31 35.13
N PRO A 135 11.96 6.57 34.18
CA PRO A 135 12.82 6.00 33.22
C PRO A 135 13.32 7.08 32.46
N LYS A 136 12.53 8.07 32.12
CA LYS A 136 12.99 9.12 31.21
C LYS A 136 14.26 9.77 31.72
N ASN A 137 14.36 9.97 33.04
CA ASN A 137 15.54 10.62 33.59
C ASN A 137 16.74 9.69 33.56
N ILE A 138 16.54 8.42 33.93
CA ILE A 138 17.60 7.44 33.83
C ILE A 138 18.11 7.36 32.40
N CYS A 139 17.20 7.29 31.43
CA CYS A 139 17.61 7.19 30.04
C CYS A 139 18.32 8.45 29.58
N ILE A 140 17.88 9.62 30.05
CA ILE A 140 18.54 10.86 29.63
C ILE A 140 19.97 10.90 30.15
N ILE A 141 20.18 10.65 31.45
CA ILE A 141 21.54 10.70 31.96
C ILE A 141 22.36 9.56 31.36
N ILE A 142 21.73 8.45 31.00
CA ILE A 142 22.45 7.35 30.40
C ILE A 142 22.95 7.73 29.02
N ILE A 143 22.07 8.29 28.19
CA ILE A 143 22.50 8.58 26.82
C ILE A 143 23.43 9.79 26.81
N VAL A 144 23.29 10.70 27.76
CA VAL A 144 24.25 11.78 27.86
C VAL A 144 25.62 11.25 28.27
N THR A 145 25.65 10.37 29.27
CA THR A 145 26.93 9.80 29.71
C THR A 145 27.57 8.98 28.61
N LEU A 146 26.78 8.21 27.88
CA LEU A 146 27.32 7.40 26.80
C LEU A 146 27.81 8.25 25.64
N SER A 147 27.05 9.28 25.26
CA SER A 147 27.54 10.17 24.23
C SER A 147 28.83 10.85 24.65
N PHE A 148 28.91 11.29 25.90
CA PHE A 148 30.11 11.97 26.36
C PHE A 148 31.30 11.04 26.52
N ILE A 149 31.08 9.77 26.85
CA ILE A 149 32.18 8.81 26.93
C ILE A 149 32.64 8.42 25.55
N ASP A 150 31.71 8.22 24.62
CA ASP A 150 32.08 7.88 23.26
C ASP A 150 32.79 9.03 22.58
N MET A 151 32.39 10.27 22.89
CA MET A 151 33.03 11.42 22.27
C MET A 151 34.50 11.50 22.63
N VAL A 152 34.86 11.12 23.85
CA VAL A 152 36.26 11.23 24.25
C VAL A 152 37.02 9.95 23.93
N ILE A 153 36.36 8.80 23.89
CA ILE A 153 37.01 7.56 23.48
C ILE A 153 37.20 7.63 21.96
N TYR A 154 36.55 8.57 21.31
CA TYR A 154 36.88 8.96 19.95
C TYR A 154 38.03 9.96 19.99
N GLY A 155 38.76 9.95 21.09
CA GLY A 155 40.09 10.51 21.16
C GLY A 155 41.01 9.48 20.54
N ALA A 156 41.04 9.47 19.20
CA ALA A 156 41.50 8.36 18.37
C ALA A 156 42.75 7.66 18.86
N LEU A 157 43.59 8.37 19.64
CA LEU A 157 44.83 7.81 20.17
C LEU A 157 45.77 7.42 19.04
N LYS A 158 46.20 8.41 18.27
CA LYS A 158 47.15 8.23 17.17
C LYS A 158 46.56 7.35 16.07
N ALA A 159 45.47 7.84 15.49
CA ALA A 159 44.88 7.29 14.27
C ALA A 159 44.46 5.83 14.42
N THR A 160 44.20 5.38 15.64
CA THR A 160 43.67 4.02 15.86
C THR A 160 42.17 4.07 15.54
N GLY A 161 41.86 4.38 14.28
CA GLY A 161 40.52 4.72 13.89
C GLY A 161 39.53 3.58 13.95
N HIS A 162 40.01 2.35 14.05
CA HIS A 162 39.15 1.17 14.22
C HIS A 162 38.13 1.01 13.10
N TYR A 163 38.38 1.63 11.94
CA TYR A 163 37.52 1.63 10.77
C TYR A 163 36.04 1.67 11.12
N GLY A 164 35.67 2.59 12.00
CA GLY A 164 34.29 2.85 12.37
C GLY A 164 34.06 2.89 13.86
N ILE A 165 33.66 4.06 14.34
CA ILE A 165 33.49 4.38 15.76
C ILE A 165 32.22 5.20 15.88
N ARG A 166 32.01 5.81 17.04
CA ARG A 166 30.83 6.65 17.32
C ARG A 166 29.57 5.79 17.37
N TRP A 167 29.61 4.81 18.25
CA TRP A 167 28.49 3.94 18.51
C TRP A 167 27.38 4.62 19.29
N SER A 168 27.54 5.91 19.62
CA SER A 168 26.56 6.64 20.39
C SER A 168 25.74 7.60 19.54
N ARG A 169 26.07 7.73 18.25
CA ARG A 169 25.26 8.56 17.38
C ARG A 169 23.86 8.03 17.19
N VAL A 170 23.63 6.75 17.44
CA VAL A 170 22.28 6.21 17.36
C VAL A 170 21.47 6.60 18.58
N LEU A 171 22.11 7.04 19.66
CA LEU A 171 21.43 7.50 20.86
C LEU A 171 21.04 8.96 20.79
N ARG A 172 21.54 9.69 19.81
CA ARG A 172 21.22 11.10 19.65
C ARG A 172 19.72 11.33 19.46
N PRO A 173 19.04 10.64 18.55
CA PRO A 173 17.61 10.89 18.37
C PRO A 173 16.75 10.37 19.50
N LEU A 174 17.33 9.70 20.50
CA LEU A 174 16.57 9.26 21.66
C LEU A 174 16.40 10.37 22.68
N LEU A 175 17.26 11.39 22.65
CA LEU A 175 16.97 12.60 23.38
C LEU A 175 15.67 13.22 22.91
N LEU A 176 15.40 13.14 21.61
CA LEU A 176 14.17 13.67 21.05
C LEU A 176 12.95 13.02 21.69
N VAL A 177 13.11 11.81 22.22
CA VAL A 177 11.99 11.07 22.79
C VAL A 177 11.97 11.26 24.30
N ASN A 178 13.08 10.97 24.96
CA ASN A 178 13.11 10.87 26.40
C ASN A 178 13.38 12.21 27.09
N VAL A 179 13.29 13.32 26.36
CA VAL A 179 13.37 14.62 26.99
C VAL A 179 12.05 14.94 27.67
N THR A 180 12.09 15.89 28.60
CA THR A 180 10.89 16.21 29.38
C THR A 180 9.76 16.77 28.55
N GLU A 181 10.05 17.43 27.44
CA GLU A 181 9.04 17.95 26.55
C GLU A 181 8.56 16.93 25.54
N GLY A 182 9.11 15.72 25.57
CA GLY A 182 8.73 14.69 24.64
C GLY A 182 7.55 13.87 25.10
N ARG A 183 6.80 14.39 26.08
CA ARG A 183 5.59 13.71 26.53
C ARG A 183 4.63 13.44 25.38
N GLN A 184 4.65 14.26 24.33
CA GLN A 184 3.85 14.00 23.16
C GLN A 184 4.42 12.88 22.29
N LEU A 185 5.66 12.47 22.52
CA LEU A 185 6.30 11.41 21.75
C LEU A 185 6.50 10.14 22.55
N ARG A 186 7.14 10.23 23.73
CA ARG A 186 7.31 9.02 24.54
C ARG A 186 5.99 8.42 24.95
N ARG A 187 4.89 9.17 24.89
CA ARG A 187 3.57 8.56 24.97
C ARG A 187 3.24 7.82 23.67
N ALA A 188 3.51 8.44 22.52
CA ALA A 188 3.31 7.77 21.25
C ALA A 188 4.30 6.65 21.01
N PHE A 189 5.28 6.48 21.90
CA PHE A 189 6.14 5.30 21.84
C PHE A 189 5.58 4.17 22.68
N ARG A 190 4.89 4.48 23.77
CA ARG A 190 4.17 3.44 24.49
C ARG A 190 3.07 2.83 23.63
N SER A 191 2.51 3.60 22.70
CA SER A 191 1.53 3.03 21.77
C SER A 191 2.15 1.92 20.94
N ILE A 192 3.41 2.06 20.55
CA ILE A 192 4.06 1.00 19.80
C ILE A 192 4.57 -0.10 20.71
N ARG A 193 5.01 0.25 21.92
CA ARG A 193 5.40 -0.76 22.89
C ARG A 193 4.24 -1.67 23.25
N ASN A 194 3.01 -1.17 23.19
CA ASN A 194 1.85 -2.01 23.41
C ASN A 194 1.46 -2.80 22.16
N ALA A 195 1.77 -2.29 20.97
CA ALA A 195 1.41 -2.98 19.75
C ALA A 195 2.34 -4.15 19.44
N LEU A 196 3.50 -4.22 20.09
CA LEU A 196 4.46 -5.26 19.74
C LEU A 196 4.00 -6.67 20.14
N PRO A 197 3.46 -6.92 21.33
CA PRO A 197 2.96 -8.28 21.62
C PRO A 197 1.87 -8.74 20.66
N GLN A 198 1.39 -7.87 19.78
CA GLN A 198 0.45 -8.25 18.74
C GLN A 198 1.05 -8.17 17.35
N ILE A 199 1.87 -7.15 17.08
CA ILE A 199 2.52 -7.06 15.79
C ILE A 199 3.46 -8.23 15.58
N SER A 200 4.21 -8.61 16.62
CA SER A 200 5.03 -9.81 16.54
C SER A 200 4.18 -11.07 16.54
N TYR A 201 3.08 -11.08 17.30
CA TYR A 201 2.13 -12.18 17.25
C TYR A 201 1.68 -12.48 15.83
N VAL A 202 1.50 -11.45 15.01
CA VAL A 202 1.08 -11.61 13.63
C VAL A 202 2.27 -11.83 12.70
N PHE A 203 3.39 -11.17 12.97
CA PHE A 203 4.55 -11.29 12.12
C PHE A 203 5.15 -12.69 12.21
N PHE A 204 4.97 -13.37 13.33
CA PHE A 204 5.40 -14.76 13.39
C PHE A 204 4.63 -15.62 12.38
N LEU A 205 3.30 -15.46 12.36
CA LEU A 205 2.51 -16.18 11.36
C LEU A 205 2.89 -15.76 9.95
N PHE A 206 3.19 -14.48 9.75
CA PHE A 206 3.53 -14.01 8.41
C PHE A 206 4.86 -14.61 7.95
N MET A 207 5.87 -14.58 8.81
CA MET A 207 7.15 -15.15 8.43
C MET A 207 7.06 -16.66 8.31
N PHE A 208 6.18 -17.30 9.07
CA PHE A 208 5.95 -18.72 8.87
C PHE A 208 5.32 -19.00 7.52
N SER A 209 4.36 -18.17 7.12
CA SER A 209 3.79 -18.29 5.78
C SER A 209 4.86 -18.14 4.71
N VAL A 210 5.72 -17.13 4.86
CA VAL A 210 6.78 -16.93 3.88
C VAL A 210 7.73 -18.11 3.85
N LEU A 211 8.06 -18.67 5.02
CA LEU A 211 8.99 -19.79 5.09
C LEU A 211 8.41 -21.09 4.57
N VAL A 212 7.10 -21.29 4.70
CA VAL A 212 6.51 -22.54 4.21
C VAL A 212 6.25 -22.38 2.71
N PHE A 213 5.91 -21.17 2.27
CA PHE A 213 5.78 -20.94 0.84
C PHE A 213 7.12 -21.06 0.14
N SER A 214 8.20 -20.66 0.81
CA SER A 214 9.52 -20.82 0.20
C SER A 214 9.91 -22.29 0.10
N LEU A 215 9.51 -23.10 1.08
CA LEU A 215 9.71 -24.53 0.98
C LEU A 215 8.87 -25.13 -0.14
N MET A 216 7.64 -24.66 -0.28
CA MET A 216 6.77 -25.13 -1.35
C MET A 216 7.32 -24.76 -2.72
N ALA A 217 7.94 -23.58 -2.83
CA ALA A 217 8.55 -23.15 -4.08
C ALA A 217 9.90 -23.79 -4.31
N LEU A 218 10.55 -24.30 -3.28
CA LEU A 218 11.80 -25.02 -3.47
C LEU A 218 11.56 -26.43 -4.00
N LYS A 219 10.50 -27.08 -3.53
CA LYS A 219 10.12 -28.39 -4.06
C LYS A 219 9.44 -28.29 -5.41
N LEU A 220 8.89 -27.12 -5.74
CA LEU A 220 8.49 -26.74 -7.09
C LEU A 220 9.76 -26.41 -7.85
N PHE A 221 9.69 -25.56 -8.86
CA PHE A 221 10.88 -25.14 -9.58
C PHE A 221 12.06 -24.97 -8.63
N GLY A 222 13.10 -25.76 -8.86
CA GLY A 222 14.12 -25.87 -7.85
C GLY A 222 15.35 -26.60 -8.35
N LYS A 223 16.24 -26.97 -7.43
CA LYS A 223 17.40 -27.77 -7.81
C LYS A 223 16.97 -29.02 -8.55
N ARG A 224 15.78 -29.53 -8.24
CA ARG A 224 15.12 -30.54 -9.05
C ARG A 224 14.12 -29.85 -9.98
N GLY A 225 14.64 -28.90 -10.73
CA GLY A 225 13.87 -28.19 -11.72
C GLY A 225 14.73 -27.87 -12.90
N LEU A 226 14.25 -26.96 -13.74
CA LEU A 226 14.95 -26.67 -14.99
C LEU A 226 15.36 -25.22 -15.16
N LEU A 227 14.45 -24.28 -14.90
CA LEU A 227 14.48 -22.96 -15.52
C LEU A 227 15.46 -22.01 -14.84
N THR A 228 15.74 -20.91 -15.54
CA THR A 228 16.70 -19.89 -15.13
C THR A 228 16.04 -18.52 -15.11
N ILE A 229 16.80 -17.45 -14.90
CA ILE A 229 16.22 -16.12 -14.98
C ILE A 229 16.88 -15.31 -16.08
N ASN A 230 18.13 -14.91 -15.84
CA ASN A 230 19.00 -14.29 -16.82
C ASN A 230 20.42 -14.67 -16.41
N GLY A 231 20.88 -15.81 -16.92
CA GLY A 231 22.15 -16.38 -16.52
C GLY A 231 22.18 -16.90 -15.09
N SER A 232 21.06 -16.83 -14.39
CA SER A 232 21.03 -17.26 -13.00
C SER A 232 20.10 -18.45 -12.86
N PRO A 233 20.27 -19.31 -11.87
CA PRO A 233 19.27 -20.35 -11.63
C PRO A 233 18.09 -19.77 -10.89
N TYR A 234 16.88 -20.24 -11.17
CA TYR A 234 15.71 -19.47 -10.79
C TYR A 234 15.44 -19.50 -9.30
N PHE A 235 15.04 -20.66 -8.78
CA PHE A 235 14.76 -20.82 -7.36
C PHE A 235 15.46 -22.10 -6.89
N THR A 236 16.75 -22.00 -6.58
CA THR A 236 17.49 -23.22 -6.29
C THR A 236 17.86 -23.32 -4.81
N ASP A 237 18.45 -22.27 -4.26
CA ASP A 237 18.81 -22.27 -2.86
C ASP A 237 17.72 -21.63 -2.02
N TYR A 238 17.57 -22.09 -0.79
CA TYR A 238 16.43 -21.69 0.02
C TYR A 238 16.57 -20.27 0.52
N MET A 239 17.75 -19.88 0.99
CA MET A 239 17.89 -18.56 1.58
C MET A 239 17.74 -17.44 0.58
N ASP A 240 17.86 -17.71 -0.71
CA ASP A 240 17.51 -16.74 -1.73
C ASP A 240 16.05 -16.82 -2.13
N ILE A 241 15.43 -18.00 -2.04
CA ILE A 241 14.00 -18.10 -2.29
C ILE A 241 13.23 -17.31 -1.26
N VAL A 242 13.58 -17.48 0.02
CA VAL A 242 12.86 -16.79 1.09
C VAL A 242 13.01 -15.28 0.98
N PHE A 243 14.14 -14.78 0.48
CA PHE A 243 14.25 -13.34 0.29
C PHE A 243 13.48 -12.88 -0.94
N ASP A 244 13.59 -13.61 -2.04
CA ASP A 244 12.81 -13.27 -3.23
C ASP A 244 11.32 -13.39 -3.00
N LEU A 245 10.90 -14.27 -2.10
CA LEU A 245 9.49 -14.35 -1.73
C LEU A 245 9.10 -13.32 -0.70
N TYR A 246 10.03 -12.89 0.15
CA TYR A 246 9.71 -11.81 1.07
C TYR A 246 9.53 -10.51 0.32
N VAL A 247 10.43 -10.21 -0.61
CA VAL A 247 10.35 -8.99 -1.38
C VAL A 247 9.13 -8.98 -2.27
N LEU A 248 8.61 -10.14 -2.68
CA LEU A 248 7.35 -10.23 -3.39
C LEU A 248 6.18 -9.84 -2.52
N VAL A 249 6.23 -10.12 -1.22
CA VAL A 249 5.26 -9.56 -0.30
C VAL A 249 5.29 -8.03 -0.37
N THR A 250 6.49 -7.46 -0.38
CA THR A 250 6.62 -6.01 -0.52
C THR A 250 6.36 -5.59 -1.95
N THR A 251 6.02 -6.55 -2.81
CA THR A 251 5.84 -6.39 -4.25
C THR A 251 6.82 -5.44 -4.91
N ALA A 252 8.09 -5.52 -4.56
CA ALA A 252 9.08 -4.75 -5.27
C ALA A 252 9.46 -5.38 -6.60
N ASN A 253 9.19 -6.67 -6.78
CA ASN A 253 9.56 -7.39 -8.00
C ASN A 253 8.40 -8.26 -8.47
N SER A 254 7.20 -7.70 -8.52
CA SER A 254 5.99 -8.49 -8.71
C SER A 254 5.96 -9.27 -10.02
N PRO A 255 6.12 -8.64 -11.19
CA PRO A 255 6.04 -9.40 -12.44
C PRO A 255 7.35 -10.02 -12.90
N ASP A 256 8.44 -9.79 -12.20
CA ASP A 256 9.75 -10.29 -12.58
C ASP A 256 10.16 -11.54 -11.82
N VAL A 257 9.72 -11.68 -10.57
CA VAL A 257 10.05 -12.86 -9.80
C VAL A 257 9.32 -14.09 -10.34
N MET A 258 8.21 -13.89 -11.03
CA MET A 258 7.42 -14.98 -11.56
C MET A 258 7.49 -15.08 -13.07
N MET A 259 8.28 -14.26 -13.74
CA MET A 259 8.21 -14.25 -15.19
C MET A 259 8.81 -15.52 -15.76
N PRO A 260 9.96 -16.00 -15.30
CA PRO A 260 10.26 -17.42 -15.50
C PRO A 260 9.37 -18.20 -14.57
N ALA A 261 9.03 -19.43 -14.96
CA ALA A 261 7.99 -20.20 -14.30
C ALA A 261 6.64 -19.48 -14.40
N TYR A 262 6.55 -18.66 -15.44
CA TYR A 262 5.27 -18.35 -16.08
C TYR A 262 5.55 -18.41 -17.57
N ASN A 263 6.81 -18.22 -17.93
CA ASN A 263 7.31 -18.54 -19.24
C ASN A 263 7.49 -20.04 -19.43
N SER A 264 7.33 -20.82 -18.37
CA SER A 264 7.45 -22.28 -18.42
C SER A 264 6.10 -22.97 -18.43
N SER A 265 5.18 -22.54 -17.57
CA SER A 265 3.85 -23.11 -17.56
C SER A 265 2.92 -22.18 -16.82
N VAL A 266 1.72 -22.01 -17.36
CA VAL A 266 0.74 -21.13 -16.72
C VAL A 266 0.32 -21.66 -15.37
N TYR A 267 0.38 -22.97 -15.15
CA TYR A 267 -0.06 -23.53 -13.88
C TYR A 267 0.84 -23.13 -12.73
N PHE A 268 2.10 -22.77 -13.00
CA PHE A 268 2.94 -22.21 -11.96
C PHE A 268 2.42 -20.87 -11.47
N THR A 269 1.64 -20.18 -12.29
CA THR A 269 1.10 -18.89 -11.86
C THR A 269 0.25 -19.03 -10.62
N ILE A 270 -0.56 -20.10 -10.53
CA ILE A 270 -1.42 -20.31 -9.38
C ILE A 270 -0.65 -20.18 -8.07
N PHE A 271 0.60 -20.65 -8.03
CA PHE A 271 1.40 -20.53 -6.83
C PHE A 271 1.55 -19.07 -6.43
N PHE A 272 1.95 -18.21 -7.37
CA PHE A 272 2.12 -16.80 -7.05
C PHE A 272 0.80 -16.07 -6.85
N ILE A 273 -0.25 -16.47 -7.56
CA ILE A 273 -1.57 -15.91 -7.33
C ILE A 273 -1.98 -16.15 -5.89
N LEU A 274 -1.74 -17.35 -5.38
CA LEU A 274 -2.04 -17.64 -3.98
C LEU A 274 -1.11 -16.89 -3.05
N TYR A 275 0.19 -16.87 -3.36
CA TYR A 275 1.14 -16.21 -2.49
C TYR A 275 0.81 -14.74 -2.30
N ILE A 276 0.48 -14.05 -3.39
CA ILE A 276 0.18 -12.62 -3.30
C ILE A 276 -1.08 -12.34 -2.52
N VAL A 277 -2.16 -13.08 -2.75
CA VAL A 277 -3.39 -12.84 -2.01
C VAL A 277 -3.28 -13.28 -0.56
N ILE A 278 -2.41 -14.23 -0.25
CA ILE A 278 -2.21 -14.65 1.13
C ILE A 278 -1.31 -13.69 1.87
N ASN A 279 -0.22 -13.23 1.25
CA ASN A 279 0.78 -12.41 1.93
C ASN A 279 0.67 -10.94 1.56
N THR A 280 0.74 -10.61 0.28
CA THR A 280 0.79 -9.21 -0.13
C THR A 280 -0.46 -8.46 0.30
N TYR A 281 -1.61 -9.11 0.27
CA TYR A 281 -2.85 -8.39 0.50
C TYR A 281 -3.51 -8.76 1.82
N THR A 282 -3.41 -10.01 2.24
CA THR A 282 -4.03 -10.41 3.50
C THR A 282 -3.15 -10.06 4.70
N PHE A 283 -1.89 -10.50 4.68
CA PHE A 283 -1.01 -10.26 5.81
C PHE A 283 -0.60 -8.80 5.89
N MET A 284 -0.12 -8.24 4.79
CA MET A 284 0.31 -6.85 4.80
C MET A 284 -0.81 -5.89 5.18
N SER A 285 -2.06 -6.34 5.10
CA SER A 285 -3.17 -5.56 5.63
C SER A 285 -3.55 -5.99 7.03
N PHE A 286 -3.20 -7.21 7.44
CA PHE A 286 -3.35 -7.56 8.85
C PHE A 286 -2.43 -6.73 9.72
N PHE A 287 -1.22 -6.43 9.24
CA PHE A 287 -0.35 -5.52 9.97
C PHE A 287 -0.96 -4.16 10.11
N LEU A 288 -1.56 -3.63 9.05
CA LEU A 288 -2.24 -2.35 9.14
C LEU A 288 -3.42 -2.42 10.10
N ALA A 289 -4.16 -3.53 10.09
CA ALA A 289 -5.26 -3.68 11.03
C ALA A 289 -4.78 -3.68 12.46
N VAL A 290 -3.69 -4.37 12.75
CA VAL A 290 -3.15 -4.41 14.10
C VAL A 290 -2.65 -3.03 14.53
N VAL A 291 -1.91 -2.37 13.64
CA VAL A 291 -1.36 -1.05 13.97
C VAL A 291 -2.49 -0.06 14.19
N TYR A 292 -3.50 -0.07 13.33
CA TYR A 292 -4.61 0.85 13.48
C TYR A 292 -5.43 0.53 14.72
N ASN A 293 -5.60 -0.74 15.05
CA ASN A 293 -6.30 -1.08 16.28
C ASN A 293 -5.56 -0.57 17.50
N ASN A 294 -4.24 -0.75 17.52
CA ASN A 294 -3.47 -0.28 18.67
C ASN A 294 -3.43 1.24 18.75
N TYR A 295 -3.38 1.92 17.60
CA TYR A 295 -3.44 3.37 17.62
C TYR A 295 -4.78 3.87 18.12
N LYS A 296 -5.86 3.29 17.60
CA LYS A 296 -7.20 3.65 18.05
C LYS A 296 -7.39 3.34 19.53
N LYS A 297 -6.75 2.31 20.03
CA LYS A 297 -6.83 1.93 21.43
C LYS A 297 -5.99 2.80 22.33
N TYR A 298 -4.88 3.34 21.83
CA TYR A 298 -4.08 4.26 22.62
C TYR A 298 -4.57 5.69 22.56
N LEU A 299 -5.34 6.03 21.52
CA LEU A 299 -5.92 7.37 21.49
C LEU A 299 -6.88 7.59 22.64
N LYS A 300 -7.69 6.59 22.96
CA LYS A 300 -8.60 6.67 24.09
C LYS A 300 -7.90 6.42 25.42
N GLU A 301 -6.57 6.30 25.41
CA GLU A 301 -5.80 6.26 26.64
C GLU A 301 -4.75 7.36 26.69
N GLU A 302 -4.70 8.22 25.68
CA GLU A 302 -4.04 9.51 25.81
C GLU A 302 -5.05 10.53 26.31
N VAL A 303 -6.13 10.73 25.55
CA VAL A 303 -7.35 11.28 26.10
C VAL A 303 -7.92 10.30 27.10
N ARG A 304 -8.71 10.81 28.04
CA ARG A 304 -9.31 10.06 29.14
C ARG A 304 -8.28 9.51 30.11
N GLN A 305 -7.00 9.77 29.84
CA GLN A 305 -5.95 9.63 30.83
C GLN A 305 -5.21 10.94 31.02
N LEU A 306 -5.24 11.81 30.02
CA LEU A 306 -4.89 13.22 30.22
C LEU A 306 -6.05 13.99 30.82
N VAL A 307 -7.28 13.65 30.44
CA VAL A 307 -8.45 14.30 31.02
C VAL A 307 -8.50 14.08 32.52
N LYS A 308 -8.25 12.86 32.97
CA LYS A 308 -8.11 12.62 34.40
C LYS A 308 -6.82 13.22 34.94
N ALA A 309 -5.81 13.39 34.08
CA ALA A 309 -4.59 14.08 34.50
C ALA A 309 -4.78 15.59 34.48
N LYS A 310 -5.96 16.07 34.07
CA LYS A 310 -6.22 17.49 34.12
C LYS A 310 -7.04 17.85 35.35
N ARG A 311 -8.14 17.14 35.60
CA ARG A 311 -8.99 17.48 36.73
C ARG A 311 -8.36 17.13 38.06
N ILE A 312 -7.23 16.41 38.06
CA ILE A 312 -6.50 16.20 39.29
C ILE A 312 -6.02 17.54 39.85
N LYS A 313 -5.27 18.28 39.04
CA LYS A 313 -4.74 19.57 39.49
C LYS A 313 -5.73 20.69 39.32
N MET A 314 -6.39 20.78 38.15
CA MET A 314 -7.27 21.92 37.88
C MET A 314 -8.35 22.05 38.94
N CYS A 315 -8.88 20.93 39.43
CA CYS A 315 -9.80 20.95 40.55
C CYS A 315 -9.09 21.05 41.89
N ARG A 316 -7.83 20.63 41.98
CA ARG A 316 -7.08 20.79 43.22
C ARG A 316 -6.90 22.25 43.58
N ALA A 317 -6.96 23.15 42.59
CA ALA A 317 -6.82 24.57 42.86
C ALA A 317 -7.88 25.05 43.86
N PHE A 318 -9.09 24.52 43.76
CA PHE A 318 -10.12 24.82 44.74
C PHE A 318 -9.66 24.47 46.15
N SER A 319 -9.01 23.32 46.32
CA SER A 319 -8.47 22.93 47.60
C SER A 319 -7.07 23.48 47.87
N LEU A 320 -6.49 24.19 46.90
CA LEU A 320 -5.13 24.72 47.02
C LEU A 320 -5.10 26.22 46.71
N PRO A 407 -20.43 56.91 -1.32
CA PRO A 407 -20.00 57.43 -2.62
C PRO A 407 -19.27 56.36 -3.43
N SER A 408 -18.17 56.75 -4.08
CA SER A 408 -17.33 55.78 -4.76
C SER A 408 -16.71 54.79 -3.79
N ARG A 409 -16.32 55.25 -2.60
CA ARG A 409 -15.83 54.35 -1.56
C ARG A 409 -16.85 53.29 -1.18
N PHE A 410 -18.14 53.57 -1.37
CA PHE A 410 -19.16 52.56 -1.14
C PHE A 410 -19.11 51.47 -2.22
N ILE A 411 -18.68 51.83 -3.43
CA ILE A 411 -18.65 50.85 -4.50
C ILE A 411 -17.55 49.81 -4.25
N ARG A 412 -16.32 50.27 -4.07
CA ARG A 412 -15.21 49.35 -3.80
C ARG A 412 -15.45 48.50 -2.57
N GLN A 413 -16.32 48.94 -1.66
CA GLN A 413 -16.66 48.15 -0.49
C GLN A 413 -17.61 47.00 -0.81
N MET A 414 -18.42 47.12 -1.86
CA MET A 414 -19.47 46.15 -2.13
C MET A 414 -19.17 45.26 -3.33
N VAL A 415 -18.05 45.47 -4.02
CA VAL A 415 -17.75 44.62 -5.17
C VAL A 415 -17.31 43.23 -4.72
N HIS A 416 -16.73 43.13 -3.52
CA HIS A 416 -16.16 41.85 -3.09
C HIS A 416 -17.23 40.80 -2.81
N HIS A 417 -18.24 41.14 -2.03
CA HIS A 417 -19.27 40.18 -1.66
C HIS A 417 -20.25 40.02 -2.82
N ARG A 418 -19.72 39.69 -3.99
CA ARG A 418 -20.46 39.58 -5.23
C ARG A 418 -19.78 38.55 -6.12
N VAL A 419 -20.04 38.59 -7.42
CA VAL A 419 -19.28 37.74 -8.33
C VAL A 419 -17.95 38.46 -8.55
N PHE A 420 -17.03 38.25 -7.62
CA PHE A 420 -15.71 38.83 -7.65
C PHE A 420 -14.62 37.81 -7.36
N VAL A 421 -14.93 36.76 -6.61
CA VAL A 421 -14.01 35.64 -6.44
C VAL A 421 -14.08 34.79 -7.69
N TYR A 422 -15.21 34.84 -8.39
CA TYR A 422 -15.30 34.18 -9.68
C TYR A 422 -14.47 34.88 -10.73
N ALA A 423 -14.19 36.17 -10.54
CA ALA A 423 -13.31 36.89 -11.46
C ALA A 423 -11.86 36.56 -11.19
N TYR A 424 -11.50 36.33 -9.92
CA TYR A 424 -10.12 36.00 -9.59
C TYR A 424 -9.89 34.50 -9.59
N ASP A 425 -10.93 33.69 -9.67
CA ASP A 425 -10.74 32.27 -9.92
C ASP A 425 -10.55 32.00 -11.41
N LEU A 426 -10.92 32.97 -12.25
CA LEU A 426 -10.61 32.89 -13.66
C LEU A 426 -9.28 33.52 -14.01
N ILE A 427 -8.94 34.66 -13.38
CA ILE A 427 -7.63 35.24 -13.60
C ILE A 427 -6.54 34.29 -13.17
N ILE A 428 -6.75 33.56 -12.08
CA ILE A 428 -5.80 32.51 -11.69
C ILE A 428 -5.78 31.41 -12.74
N LEU A 429 -6.95 31.02 -13.23
CA LEU A 429 -7.02 29.94 -14.21
C LEU A 429 -6.28 30.31 -15.49
N VAL A 430 -6.49 31.54 -15.98
CA VAL A 430 -5.78 31.97 -17.16
C VAL A 430 -4.32 32.25 -16.84
N ASN A 431 -3.98 32.36 -15.56
CA ASN A 431 -2.58 32.47 -15.18
C ASN A 431 -1.85 31.13 -15.22
N ALA A 432 -2.54 30.03 -14.94
CA ALA A 432 -1.97 28.69 -15.06
C ALA A 432 -1.87 28.25 -16.52
N VAL A 433 -2.29 29.12 -17.45
CA VAL A 433 -2.16 28.84 -18.86
C VAL A 433 -1.08 29.76 -19.38
N PHE A 434 -0.86 30.87 -18.67
CA PHE A 434 0.23 31.77 -18.96
C PHE A 434 1.52 31.34 -18.28
N ILE A 435 1.52 30.15 -17.68
CA ILE A 435 2.71 29.58 -17.07
C ILE A 435 3.23 28.39 -17.86
N GLY A 436 2.35 27.45 -18.19
CA GLY A 436 2.77 26.27 -18.92
C GLY A 436 2.80 26.45 -20.41
N LEU A 437 3.14 27.65 -20.88
CA LEU A 437 3.30 27.86 -22.31
C LEU A 437 4.51 28.74 -22.61
N ASP A 438 5.29 29.07 -21.59
CA ASP A 438 6.35 30.06 -21.72
C ASP A 438 7.40 29.61 -22.72
N GLU A 439 7.71 30.50 -23.67
CA GLU A 439 8.85 30.33 -24.55
C GLU A 439 9.62 31.64 -24.57
N GLU A 440 9.34 32.50 -23.58
CA GLU A 440 9.99 33.79 -23.40
C GLU A 440 9.74 34.70 -24.60
N ASN A 441 8.48 34.89 -24.95
CA ASN A 441 8.10 35.88 -25.93
C ASN A 441 7.57 37.12 -25.23
N PRO A 442 7.63 38.28 -25.89
CA PRO A 442 7.08 39.50 -25.25
C PRO A 442 5.64 39.37 -24.82
N VAL A 443 4.86 38.51 -25.47
CA VAL A 443 3.48 38.25 -25.09
C VAL A 443 3.42 37.74 -23.66
N VAL A 444 4.32 36.82 -23.31
CA VAL A 444 4.30 36.16 -22.01
C VAL A 444 5.34 36.70 -21.04
N SER A 445 6.48 37.17 -21.54
CA SER A 445 7.51 37.69 -20.63
C SER A 445 7.10 38.99 -19.98
N ASN A 446 6.16 39.73 -20.57
CA ASN A 446 5.60 40.90 -19.92
C ASN A 446 4.37 40.54 -19.09
N ALA A 447 3.59 39.57 -19.57
CA ALA A 447 2.34 39.20 -18.91
C ALA A 447 2.55 38.73 -17.48
N GLU A 448 3.74 38.23 -17.15
CA GLU A 448 4.01 37.85 -15.77
C GLU A 448 3.99 39.08 -14.86
N TRP A 449 4.22 40.26 -15.42
CA TRP A 449 4.11 41.49 -14.63
C TRP A 449 2.66 41.88 -14.42
N GLY A 450 1.83 41.75 -15.45
CA GLY A 450 0.43 42.13 -15.31
C GLY A 450 -0.29 41.31 -14.27
N PHE A 451 -0.15 39.98 -14.34
CA PHE A 451 -0.77 39.13 -13.33
C PHE A 451 -0.29 39.47 -11.93
N LEU A 452 1.00 39.82 -11.80
CA LEU A 452 1.50 40.26 -10.51
C LEU A 452 0.73 41.47 -10.00
N ALA A 453 0.40 42.40 -10.88
CA ALA A 453 -0.39 43.56 -10.48
C ALA A 453 -1.83 43.19 -10.18
N LEU A 454 -2.39 42.22 -10.90
CA LEU A 454 -3.79 41.85 -10.70
C LEU A 454 -4.01 41.33 -9.28
N TYR A 455 -3.16 40.42 -8.82
CA TYR A 455 -3.24 39.97 -7.44
C TYR A 455 -2.86 41.05 -6.46
N MET A 456 -2.00 41.99 -6.86
CA MET A 456 -1.58 43.05 -5.95
C MET A 456 -2.75 43.94 -5.57
N LEU A 457 -3.72 44.14 -6.46
CA LEU A 457 -4.98 44.80 -6.02
C LEU A 457 -5.91 44.00 -5.05
N GLU A 458 -5.73 42.72 -5.03
CA GLU A 458 -6.40 41.92 -4.07
C GLU A 458 -5.97 42.42 -2.66
N ILE A 459 -5.15 43.43 -2.75
CA ILE A 459 -4.67 44.16 -1.59
C ILE A 459 -5.32 45.57 -1.67
N LEU A 460 -6.60 45.37 -1.67
CA LEU A 460 -7.76 46.20 -1.68
C LEU A 460 -8.73 45.28 -0.99
N LEU A 461 -8.28 44.77 0.14
CA LEU A 461 -8.89 43.88 1.00
C LEU A 461 -9.91 42.96 0.40
N PHE A 477 -8.65 31.62 5.69
CA PHE A 477 -7.32 31.04 5.62
C PHE A 477 -6.50 31.64 4.50
N TRP A 478 -7.13 31.79 3.33
CA TRP A 478 -6.40 32.19 2.13
C TRP A 478 -5.78 33.57 2.27
N ASN A 479 -6.52 34.54 2.83
CA ASN A 479 -5.98 35.87 3.01
C ASN A 479 -4.64 35.84 3.75
N TRP A 480 -4.43 34.82 4.58
CA TRP A 480 -3.11 34.64 5.16
C TRP A 480 -2.13 34.12 4.11
N PHE A 481 -2.51 33.02 3.45
CA PHE A 481 -1.63 32.40 2.45
C PHE A 481 -1.49 33.26 1.20
N ASP A 482 -2.61 33.77 0.68
CA ASP A 482 -2.57 34.58 -0.54
C ASP A 482 -1.63 35.76 -0.39
N THR A 483 -1.67 36.46 0.74
CA THR A 483 -0.80 37.60 0.93
C THR A 483 0.68 37.21 0.90
N ILE A 484 1.00 36.01 1.36
CA ILE A 484 2.40 35.57 1.39
C ILE A 484 2.95 35.42 -0.03
N ILE A 485 2.13 34.89 -0.94
CA ILE A 485 2.63 34.58 -2.28
C ILE A 485 2.82 35.84 -3.10
N VAL A 486 1.88 36.78 -3.01
CA VAL A 486 1.93 37.96 -3.88
C VAL A 486 3.13 38.84 -3.54
N VAL A 487 3.44 38.99 -2.24
CA VAL A 487 4.60 39.80 -1.89
C VAL A 487 5.88 39.06 -2.24
N SER A 488 5.86 37.73 -2.16
CA SER A 488 7.01 36.95 -2.59
C SER A 488 7.14 36.94 -4.10
N ALA A 489 6.04 37.13 -4.82
CA ALA A 489 6.08 37.23 -6.28
C ALA A 489 6.49 38.61 -6.75
N LEU A 490 6.40 39.64 -5.90
CA LEU A 490 6.96 40.94 -6.23
C LEU A 490 8.48 40.93 -6.31
N PHE A 491 9.10 39.79 -6.01
CA PHE A 491 10.52 39.63 -6.20
C PHE A 491 10.87 39.33 -7.65
N GLY A 492 9.89 39.42 -8.56
CA GLY A 492 10.19 39.50 -9.97
C GLY A 492 10.96 40.74 -10.36
N THR A 493 10.99 41.75 -9.49
CA THR A 493 11.89 42.87 -9.68
C THR A 493 13.35 42.42 -9.64
N ILE A 494 13.66 41.45 -8.78
CA ILE A 494 15.00 40.88 -8.75
C ILE A 494 15.37 40.30 -10.11
N ILE A 495 14.40 39.73 -10.83
CA ILE A 495 14.65 39.28 -12.19
C ILE A 495 15.10 40.45 -13.05
N ASN A 496 14.47 41.61 -12.93
CA ASN A 496 14.87 42.77 -13.70
C ASN A 496 16.28 43.22 -13.30
N SER A 497 16.57 43.22 -12.01
CA SER A 497 17.84 43.73 -11.51
C SER A 497 18.95 42.68 -11.50
N ALA A 498 18.69 41.48 -12.02
CA ALA A 498 19.73 40.46 -12.02
C ALA A 498 19.80 39.65 -13.31
N LEU A 499 19.01 40.00 -14.33
CA LEU A 499 19.11 39.32 -15.62
C LEU A 499 19.59 40.23 -16.74
N LYS A 500 18.91 41.35 -16.98
CA LYS A 500 19.30 42.20 -18.11
C LYS A 500 20.55 43.01 -17.80
N HIS A 501 20.92 43.15 -16.52
CA HIS A 501 22.16 43.81 -16.14
C HIS A 501 22.51 43.37 -14.73
N SER A 502 23.55 44.02 -14.18
CA SER A 502 24.01 43.80 -12.81
C SER A 502 24.44 42.35 -12.57
N GLY A 503 24.70 41.61 -13.63
CA GLY A 503 25.18 40.24 -13.49
C GLY A 503 24.07 39.20 -13.60
N GLY A 504 24.03 38.49 -14.72
CA GLY A 504 23.04 37.45 -14.92
C GLY A 504 23.55 36.07 -14.56
N TYR A 505 24.42 35.99 -13.55
CA TYR A 505 25.02 34.73 -13.13
C TYR A 505 24.06 33.85 -12.35
N THR A 506 22.86 34.34 -12.01
CA THR A 506 21.90 33.57 -11.23
C THR A 506 20.62 33.39 -12.03
N SER A 507 20.75 33.01 -13.30
CA SER A 507 19.59 32.96 -14.17
C SER A 507 18.63 31.85 -13.79
N ARG A 508 19.10 30.60 -13.82
CA ARG A 508 18.22 29.46 -13.56
C ARG A 508 17.72 29.45 -12.12
N GLN A 509 18.53 29.92 -11.18
CA GLN A 509 18.21 29.75 -9.77
C GLN A 509 17.03 30.63 -9.35
N VAL A 510 17.01 31.88 -9.79
CA VAL A 510 15.96 32.78 -9.32
C VAL A 510 14.66 32.51 -10.05
N LEU A 511 14.72 32.03 -11.30
CA LEU A 511 13.49 31.63 -11.98
C LEU A 511 12.88 30.39 -11.36
N ASP A 512 13.70 29.38 -11.04
CA ASP A 512 13.20 28.17 -10.39
C ASP A 512 12.67 28.42 -8.99
N ILE A 513 12.76 29.64 -8.49
CA ILE A 513 12.17 30.00 -7.20
C ILE A 513 11.03 30.98 -7.33
N VAL A 514 10.87 31.63 -8.47
CA VAL A 514 9.69 32.46 -8.70
C VAL A 514 8.60 31.65 -9.40
N PHE A 515 8.97 30.75 -10.31
CA PHE A 515 7.99 29.92 -10.99
C PHE A 515 7.43 28.82 -10.11
N ILE A 516 8.24 28.25 -9.20
CA ILE A 516 7.71 27.37 -8.17
C ILE A 516 6.80 28.15 -7.23
N LEU A 517 6.76 29.47 -7.35
CA LEU A 517 5.94 30.33 -6.51
C LEU A 517 4.71 30.86 -7.21
N ARG A 518 4.77 31.11 -8.51
CA ARG A 518 3.58 31.49 -9.25
C ARG A 518 2.57 30.34 -9.25
N VAL A 519 3.03 29.12 -9.48
CA VAL A 519 2.15 27.96 -9.55
C VAL A 519 1.64 27.62 -8.16
N LEU A 520 2.16 28.30 -7.14
CA LEU A 520 1.60 28.18 -5.80
C LEU A 520 0.35 29.02 -5.63
N ARG A 521 0.20 30.10 -6.41
CA ARG A 521 -1.04 30.85 -6.43
C ARG A 521 -2.20 29.93 -6.82
N LEU A 522 -1.91 28.97 -7.70
CA LEU A 522 -2.92 28.11 -8.29
C LEU A 522 -3.69 27.32 -7.23
N ILE A 523 -3.05 27.05 -6.09
CA ILE A 523 -3.70 26.24 -5.07
C ILE A 523 -4.95 26.89 -4.51
N ARG A 524 -5.10 28.21 -4.64
CA ARG A 524 -6.29 28.86 -4.12
C ARG A 524 -7.46 28.78 -5.08
N VAL A 525 -7.24 28.26 -6.30
CA VAL A 525 -8.33 28.04 -7.24
C VAL A 525 -9.20 26.92 -6.70
N VAL A 526 -8.73 26.26 -5.64
CA VAL A 526 -9.52 25.24 -4.96
C VAL A 526 -10.67 25.84 -4.16
N ASP A 527 -10.67 27.16 -3.94
CA ASP A 527 -11.81 27.80 -3.31
C ASP A 527 -13.09 27.56 -4.09
N SER A 528 -13.00 27.48 -5.42
CA SER A 528 -14.17 27.31 -6.26
C SER A 528 -14.91 26.01 -5.95
N ILE A 529 -14.31 25.11 -5.18
CA ILE A 529 -14.97 23.89 -4.76
C ILE A 529 -15.44 23.99 -3.31
N LYS A 530 -15.06 25.06 -2.61
CA LYS A 530 -15.52 25.31 -1.24
C LYS A 530 -15.04 24.20 -0.30
N ARG A 531 -13.73 23.95 -0.32
CA ARG A 531 -13.21 22.83 0.46
C ARG A 531 -11.86 23.10 1.13
N PHE A 532 -11.43 24.35 1.30
CA PHE A 532 -10.18 24.62 1.98
C PHE A 532 -10.25 25.72 3.02
N ARG A 533 -11.42 26.25 3.34
CA ARG A 533 -11.59 26.92 4.62
C ARG A 533 -11.87 25.90 5.72
N ALA A 534 -12.20 24.67 5.32
CA ALA A 534 -12.45 23.57 6.23
C ALA A 534 -11.27 22.60 6.34
N ILE A 535 -10.06 23.03 5.96
CA ILE A 535 -8.87 22.22 6.17
C ILE A 535 -8.08 22.68 7.39
N ILE A 536 -8.13 23.97 7.73
CA ILE A 536 -7.47 24.45 8.96
C ILE A 536 -8.09 23.84 10.22
N ASN A 537 -9.19 23.10 10.09
CA ASN A 537 -9.65 22.25 11.17
C ASN A 537 -8.99 20.88 11.12
N THR A 538 -8.86 20.30 9.92
CA THR A 538 -7.99 19.15 9.76
C THR A 538 -6.52 19.54 9.92
N LEU A 539 -6.23 20.83 9.78
CA LEU A 539 -4.98 21.47 10.16
C LEU A 539 -5.15 22.25 11.46
N ILE A 540 -5.86 21.65 12.42
CA ILE A 540 -6.20 22.32 13.67
C ILE A 540 -4.94 22.90 14.31
N LYS A 541 -5.15 23.88 15.19
CA LYS A 541 -4.06 24.62 15.82
C LYS A 541 -2.97 23.66 16.28
N ILE A 542 -1.74 24.17 16.39
CA ILE A 542 -0.55 23.55 15.82
C ILE A 542 -0.65 22.02 15.78
N GLY A 543 -1.15 21.39 16.83
CA GLY A 543 -1.47 19.99 16.75
C GLY A 543 -0.24 19.14 16.53
N PRO A 544 0.59 19.00 17.56
CA PRO A 544 1.90 18.36 17.38
C PRO A 544 1.84 16.89 16.97
N THR A 545 0.63 16.36 16.74
CA THR A 545 0.53 14.99 16.27
C THR A 545 1.26 14.79 14.95
N ILE A 546 0.99 15.67 13.97
CA ILE A 546 1.76 15.63 12.73
C ILE A 546 3.21 16.03 12.96
N LEU A 547 3.48 16.76 14.03
CA LEU A 547 4.86 17.02 14.43
C LEU A 547 5.45 15.81 15.15
N THR A 548 4.62 15.08 15.91
CA THR A 548 5.11 13.89 16.59
C THR A 548 5.52 12.82 15.59
N PHE A 549 4.69 12.58 14.57
CA PHE A 549 5.10 11.63 13.54
C PHE A 549 6.26 12.17 12.72
N GLY A 550 6.27 13.47 12.44
CA GLY A 550 7.35 14.05 11.67
C GLY A 550 8.72 13.86 12.29
N GLN A 551 8.78 13.72 13.61
CA GLN A 551 10.03 13.38 14.28
C GLN A 551 10.13 11.90 14.59
N LEU A 552 8.99 11.19 14.62
CA LEU A 552 9.04 9.73 14.73
C LEU A 552 9.72 9.12 13.51
N ILE A 553 9.46 9.66 12.33
CA ILE A 553 10.18 9.20 11.15
C ILE A 553 11.62 9.66 11.17
N LEU A 554 11.94 10.69 11.96
CA LEU A 554 13.33 11.13 12.08
C LEU A 554 14.11 10.24 13.02
N VAL A 555 13.52 9.87 14.15
CA VAL A 555 14.20 8.98 15.09
C VAL A 555 14.54 7.65 14.43
N VAL A 556 13.67 7.17 13.55
CA VAL A 556 13.93 5.90 12.89
C VAL A 556 14.97 6.07 11.79
N TYR A 557 14.82 7.09 10.96
CA TYR A 557 15.78 7.32 9.89
C TYR A 557 17.17 7.60 10.44
N TYR A 558 17.25 8.42 11.49
CA TYR A 558 18.56 8.76 12.03
C TYR A 558 19.24 7.56 12.63
N ILE A 559 18.47 6.62 13.19
CA ILE A 559 19.09 5.43 13.75
C ILE A 559 19.56 4.50 12.65
N PHE A 560 18.83 4.42 11.53
CA PHE A 560 19.25 3.60 10.42
C PHE A 560 20.30 4.27 9.55
N ALA A 561 20.23 5.59 9.38
CA ALA A 561 21.30 6.28 8.69
C ALA A 561 22.61 6.16 9.44
N MET A 562 22.58 6.36 10.76
CA MET A 562 23.80 6.22 11.55
C MET A 562 24.32 4.78 11.50
N VAL A 563 23.44 3.80 11.68
CA VAL A 563 23.88 2.41 11.59
C VAL A 563 24.27 2.07 10.16
N GLY A 564 23.48 2.54 9.19
CA GLY A 564 23.74 2.17 7.81
C GLY A 564 25.05 2.74 7.29
N MET A 565 25.34 4.00 7.60
CA MET A 565 26.51 4.65 7.02
C MET A 565 27.80 4.26 7.71
N GLU A 566 27.75 3.40 8.72
CA GLU A 566 28.97 2.83 9.28
C GLU A 566 29.29 1.46 8.69
N LEU A 567 28.32 0.80 8.07
CA LEU A 567 28.54 -0.43 7.33
C LEU A 567 28.87 -0.20 5.87
N PHE A 568 28.06 0.60 5.18
CA PHE A 568 28.25 0.85 3.75
C PHE A 568 28.78 2.25 3.54
N LYS A 569 29.71 2.66 4.39
CA LYS A 569 30.14 4.06 4.43
C LYS A 569 30.54 4.57 3.06
N GLY A 570 31.52 3.94 2.43
CA GLY A 570 32.01 4.46 1.17
C GLY A 570 32.20 3.42 0.10
N LYS A 571 31.33 2.41 0.11
CA LYS A 571 31.48 1.32 -0.86
C LYS A 571 31.17 1.79 -2.27
N ILE A 572 30.01 2.39 -2.48
CA ILE A 572 29.61 2.90 -3.78
C ILE A 572 29.57 4.42 -3.71
N GLN A 573 29.76 5.07 -4.86
CA GLN A 573 29.88 6.52 -4.85
C GLN A 573 29.47 7.08 -6.19
N PHE A 574 28.70 8.16 -6.16
CA PHE A 574 28.28 8.81 -7.38
C PHE A 574 29.45 9.53 -8.02
N PHE A 575 29.70 9.24 -9.29
CA PHE A 575 30.77 9.87 -10.04
C PHE A 575 30.18 10.88 -11.00
N GLU A 576 30.89 12.00 -11.17
CA GLU A 576 30.42 13.04 -12.08
C GLU A 576 30.46 12.54 -13.52
N PRO A 577 29.60 13.07 -14.39
CA PRO A 577 29.52 12.54 -15.76
C PRO A 577 30.82 12.67 -16.53
N ASN A 578 31.69 13.60 -16.18
CA ASN A 578 33.01 13.74 -16.78
C ASN A 578 34.02 13.50 -15.67
N SER A 579 34.35 12.23 -15.44
CA SER A 579 35.26 11.87 -14.36
C SER A 579 36.22 10.80 -14.87
N THR A 580 37.04 10.29 -13.96
CA THR A 580 38.04 9.27 -14.29
C THR A 580 37.32 7.93 -14.46
N SER A 581 36.94 7.62 -15.70
CA SER A 581 36.33 6.33 -16.00
C SER A 581 37.17 5.14 -15.57
N PRO A 582 38.50 5.12 -15.75
CA PRO A 582 39.28 3.97 -15.28
C PRO A 582 39.16 3.70 -13.79
N ASP A 583 38.57 4.61 -13.01
CA ASP A 583 38.28 4.34 -11.63
C ASP A 583 36.96 3.59 -11.45
N ARG A 584 36.48 2.96 -12.52
CA ARG A 584 35.22 2.21 -12.49
C ARG A 584 34.06 3.16 -12.11
N GLU A 585 33.87 4.14 -13.00
CA GLU A 585 32.89 5.20 -12.74
C GLU A 585 31.47 4.81 -13.09
N TYR A 586 31.27 3.71 -13.80
CA TYR A 586 29.91 3.31 -14.15
C TYR A 586 29.15 2.71 -12.98
N CYS A 587 29.85 2.29 -11.93
CA CYS A 587 29.20 1.83 -10.72
C CYS A 587 29.75 2.46 -9.44
N GLY A 588 31.06 2.67 -9.37
CA GLY A 588 31.72 3.13 -8.17
C GLY A 588 32.80 2.18 -7.71
N ASN A 589 32.56 0.87 -7.82
CA ASN A 589 33.53 -0.16 -7.47
C ASN A 589 33.19 -1.42 -8.24
N PRO A 590 34.19 -2.23 -8.61
CA PRO A 590 33.97 -3.25 -9.63
C PRO A 590 33.05 -4.39 -9.22
N LEU A 591 32.69 -4.50 -7.94
CA LEU A 591 31.77 -5.56 -7.56
C LEU A 591 30.39 -5.35 -8.13
N LEU A 592 30.03 -4.11 -8.47
CA LEU A 592 28.82 -3.87 -9.25
C LEU A 592 29.16 -3.81 -10.73
N LYS A 593 29.90 -4.82 -11.21
CA LYS A 593 30.41 -4.76 -12.58
C LYS A 593 29.27 -4.71 -13.58
N SER A 594 28.35 -5.67 -13.49
CA SER A 594 27.12 -5.60 -14.27
C SER A 594 26.01 -6.11 -13.37
N THR A 595 25.39 -5.20 -12.64
CA THR A 595 24.25 -5.48 -11.78
C THR A 595 23.13 -4.54 -12.18
N SER A 596 21.97 -4.69 -11.55
CA SER A 596 20.85 -3.80 -11.80
C SER A 596 20.90 -2.57 -10.93
N PHE A 597 21.91 -2.46 -10.06
CA PHE A 597 22.19 -1.24 -9.32
C PHE A 597 23.02 -0.26 -10.13
N ALA A 598 24.16 -0.70 -10.65
CA ALA A 598 24.74 -0.02 -11.79
C ALA A 598 23.84 -0.23 -13.00
N LYS A 599 24.21 0.38 -14.12
CA LYS A 599 23.42 0.36 -15.35
C LYS A 599 21.95 0.66 -15.09
N LEU A 600 21.67 1.29 -13.97
CA LEU A 600 20.36 1.86 -13.66
C LEU A 600 20.54 3.21 -13.02
N ASN A 601 21.77 3.72 -12.96
CA ASN A 601 22.15 5.03 -12.47
C ASN A 601 21.93 5.19 -10.98
N TYR A 602 21.65 4.12 -10.25
CA TYR A 602 21.63 4.21 -8.81
C TYR A 602 23.06 4.33 -8.34
N CYS A 603 23.54 5.55 -8.18
CA CYS A 603 24.84 5.77 -7.55
C CYS A 603 24.82 6.86 -6.50
N LYS A 604 23.93 7.84 -6.61
CA LYS A 604 23.76 8.86 -5.59
C LYS A 604 22.88 8.38 -4.45
N ASN A 605 22.65 7.06 -4.36
CA ASN A 605 21.91 6.47 -3.26
C ASN A 605 22.82 5.88 -2.20
N ASN A 606 24.13 6.12 -2.31
CA ASN A 606 25.08 5.60 -1.35
C ASN A 606 24.77 6.09 0.06
N PHE A 607 25.43 5.48 1.03
CA PHE A 607 25.37 5.92 2.42
C PHE A 607 26.51 6.87 2.78
N ASN A 608 27.10 7.54 1.79
CA ASN A 608 28.34 8.28 1.98
C ASN A 608 28.19 9.55 2.81
N ASP A 609 26.97 9.93 3.19
CA ASP A 609 26.75 11.10 4.03
C ASP A 609 25.29 11.12 4.42
N VAL A 610 24.99 11.78 5.54
CA VAL A 610 23.66 11.69 6.11
C VAL A 610 22.61 12.32 5.20
N ILE A 611 23.03 13.21 4.30
CA ILE A 611 22.08 13.79 3.36
C ILE A 611 21.68 12.75 2.32
N SER A 612 22.65 12.18 1.63
CA SER A 612 22.36 11.16 0.63
C SER A 612 22.06 9.81 1.26
N SER A 613 22.16 9.68 2.58
CA SER A 613 21.71 8.50 3.28
C SER A 613 20.28 8.63 3.79
N PHE A 614 19.82 9.86 4.01
CA PHE A 614 18.41 10.07 4.29
C PHE A 614 17.56 9.99 3.04
N ILE A 615 18.11 10.39 1.90
CA ILE A 615 17.41 10.20 0.64
C ILE A 615 17.20 8.73 0.36
N LEU A 616 18.26 7.93 0.52
CA LEU A 616 18.15 6.50 0.25
C LEU A 616 17.08 5.85 1.12
N LEU A 617 17.06 6.20 2.40
CA LEU A 617 16.04 5.63 3.28
C LEU A 617 14.64 6.09 2.91
N LEU A 618 14.49 7.16 2.11
CA LEU A 618 13.17 7.48 1.58
C LEU A 618 12.78 6.49 0.49
N GLU A 619 13.59 6.39 -0.56
CA GLU A 619 13.30 5.43 -1.62
C GLU A 619 13.38 3.99 -1.15
N LEU A 620 13.87 3.75 0.06
CA LEU A 620 13.68 2.49 0.74
C LEU A 620 12.32 2.43 1.43
N THR A 621 11.85 3.56 1.95
CA THR A 621 10.53 3.60 2.57
C THR A 621 9.44 3.37 1.54
N VAL A 622 9.41 4.22 0.51
CA VAL A 622 8.56 3.96 -0.64
C VAL A 622 9.17 2.77 -1.39
N VAL A 623 8.49 1.62 -1.35
CA VAL A 623 9.17 0.34 -1.44
C VAL A 623 9.54 -0.06 -2.85
N ASN A 624 9.32 0.81 -3.82
CA ASN A 624 9.63 0.43 -5.20
C ASN A 624 11.12 0.19 -5.35
N GLN A 625 11.45 -1.00 -5.84
CA GLN A 625 12.83 -1.37 -6.17
C GLN A 625 13.74 -1.25 -4.95
N TRP A 626 13.23 -1.60 -3.78
CA TRP A 626 14.10 -1.69 -2.63
C TRP A 626 14.94 -2.95 -2.66
N HIS A 627 14.56 -3.94 -3.48
CA HIS A 627 15.37 -5.15 -3.59
C HIS A 627 16.58 -4.94 -4.49
N VAL A 628 16.51 -4.00 -5.43
CA VAL A 628 17.67 -3.71 -6.26
C VAL A 628 18.58 -2.69 -5.61
N LEU A 629 18.05 -1.80 -4.77
CA LEU A 629 18.92 -1.00 -3.92
C LEU A 629 19.63 -1.88 -2.91
N THR A 630 18.92 -2.87 -2.36
CA THR A 630 19.56 -3.86 -1.51
C THR A 630 20.63 -4.64 -2.26
N SER A 631 20.32 -5.11 -3.47
CA SER A 631 21.24 -5.92 -4.24
C SER A 631 22.46 -5.15 -4.70
N GLY A 632 22.55 -3.86 -4.39
CA GLY A 632 23.74 -3.10 -4.71
C GLY A 632 24.60 -2.97 -3.49
N PHE A 633 24.00 -3.14 -2.32
CA PHE A 633 24.74 -3.08 -1.08
C PHE A 633 25.14 -4.46 -0.57
N THR A 634 24.46 -5.52 -1.02
CA THR A 634 24.89 -6.88 -0.75
C THR A 634 25.82 -7.41 -1.82
N ALA A 635 26.14 -6.59 -2.81
CA ALA A 635 27.16 -6.94 -3.78
C ALA A 635 28.51 -6.32 -3.46
N VAL A 636 28.54 -5.24 -2.68
CA VAL A 636 29.78 -4.66 -2.19
C VAL A 636 30.14 -5.17 -0.80
N THR A 637 29.17 -5.63 -0.02
CA THR A 637 29.37 -6.23 1.28
C THR A 637 28.86 -7.66 1.24
N HIS A 638 28.78 -8.29 2.40
CA HIS A 638 28.30 -9.66 2.46
C HIS A 638 26.81 -9.71 2.21
N VAL A 639 26.35 -10.89 1.80
CA VAL A 639 24.91 -11.12 1.57
C VAL A 639 24.11 -10.96 2.84
N SER A 640 24.76 -11.00 4.01
CA SER A 640 24.05 -10.81 5.26
C SER A 640 23.54 -9.39 5.44
N ALA A 641 24.10 -8.43 4.71
CA ALA A 641 23.60 -7.06 4.73
C ALA A 641 22.15 -6.97 4.29
N ARG A 642 21.64 -8.03 3.66
CA ARG A 642 20.22 -8.15 3.35
C ARG A 642 19.35 -7.95 4.58
N LEU A 643 19.90 -8.21 5.79
CA LEU A 643 19.12 -8.05 7.00
C LEU A 643 18.92 -6.60 7.37
N PHE A 644 19.87 -5.73 7.01
CA PHE A 644 19.72 -4.31 7.33
C PHE A 644 18.52 -3.72 6.63
N PHE A 645 18.27 -4.09 5.38
CA PHE A 645 17.16 -3.55 4.62
C PHE A 645 15.86 -4.30 4.85
N VAL A 646 15.94 -5.58 5.17
CA VAL A 646 14.73 -6.31 5.55
C VAL A 646 14.21 -5.79 6.89
N ILE A 647 15.10 -5.65 7.88
CA ILE A 647 14.70 -5.05 9.15
C ILE A 647 14.16 -3.65 8.94
N PHE A 648 14.80 -2.87 8.05
CA PHE A 648 14.31 -1.52 7.80
C PHE A 648 12.89 -1.56 7.26
N HIS A 649 12.62 -2.41 6.28
CA HIS A 649 11.27 -2.49 5.75
C HIS A 649 10.27 -2.94 6.81
N ILE A 650 10.70 -3.83 7.71
CA ILE A 650 9.80 -4.31 8.75
C ILE A 650 9.41 -3.19 9.70
N VAL A 651 10.37 -2.32 10.03
CA VAL A 651 10.11 -1.30 11.04
C VAL A 651 9.57 0.00 10.44
N VAL A 652 9.88 0.30 9.19
CA VAL A 652 9.44 1.54 8.55
C VAL A 652 8.17 1.32 7.75
N VAL A 653 8.19 0.38 6.81
CA VAL A 653 7.04 0.23 5.93
C VAL A 653 5.90 -0.51 6.60
N ILE A 654 6.18 -1.36 7.58
CA ILE A 654 5.14 -2.17 8.18
C ILE A 654 4.57 -1.54 9.43
N ILE A 655 5.39 -0.91 10.27
CA ILE A 655 4.89 -0.37 11.53
C ILE A 655 5.22 1.10 11.71
N ILE A 656 5.63 1.80 10.64
CA ILE A 656 5.75 3.25 10.66
C ILE A 656 4.90 3.90 9.59
N ILE A 657 4.90 3.35 8.38
CA ILE A 657 3.95 3.87 7.39
C ILE A 657 2.53 3.51 7.77
N ASN A 658 2.33 2.33 8.37
CA ASN A 658 1.00 1.97 8.83
C ASN A 658 0.55 2.78 10.02
N ILE A 659 1.48 3.23 10.87
CA ILE A 659 1.09 4.12 11.95
C ILE A 659 0.78 5.50 11.41
N PHE A 660 1.17 5.78 10.17
CA PHE A 660 0.73 7.01 9.51
C PHE A 660 -0.64 6.84 8.89
N VAL A 661 -0.85 5.76 8.14
CA VAL A 661 -2.17 5.49 7.59
C VAL A 661 -3.19 5.34 8.70
N ALA A 662 -2.79 4.79 9.85
CA ALA A 662 -3.69 4.70 10.98
C ALA A 662 -4.12 6.06 11.48
N PHE A 663 -3.33 7.10 11.23
CA PHE A 663 -3.70 8.43 11.68
C PHE A 663 -4.73 9.06 10.75
N ILE A 664 -4.41 9.18 9.47
CA ILE A 664 -5.29 9.84 8.52
C ILE A 664 -6.47 8.93 8.20
N LEU A 665 -6.50 7.76 8.81
CA LEU A 665 -7.72 6.96 8.89
C LEU A 665 -8.53 7.33 10.11
N GLU A 666 -7.87 7.38 11.27
CA GLU A 666 -8.54 7.81 12.48
C GLU A 666 -9.01 9.26 12.38
N ALA A 667 -8.18 10.14 11.86
CA ALA A 667 -8.57 11.54 11.70
C ALA A 667 -9.75 11.72 10.76
N PHE A 668 -9.97 10.79 9.84
CA PHE A 668 -11.07 10.89 8.90
C PHE A 668 -12.38 10.37 9.46
N LEU A 669 -12.37 9.24 10.17
CA LEU A 669 -13.61 8.65 10.64
C LEU A 669 -14.11 9.33 11.92
N VAL A 670 -13.32 9.26 12.98
CA VAL A 670 -13.75 9.83 14.28
C VAL A 670 -13.28 11.28 14.29
N GLU A 671 -14.09 12.14 13.68
CA GLU A 671 -13.91 13.57 13.74
C GLU A 671 -15.23 14.29 13.96
N TYR A 672 -16.32 13.56 14.14
CA TYR A 672 -17.65 14.14 14.27
C TYR A 672 -18.01 14.34 15.73
N MET B 34 -54.29 -21.46 7.73
CA MET B 34 -55.05 -22.68 7.93
C MET B 34 -54.57 -23.78 6.98
N THR B 35 -55.46 -24.19 6.07
CA THR B 35 -55.15 -25.30 5.18
C THR B 35 -54.02 -24.98 4.19
N GLU B 36 -53.84 -23.72 3.82
CA GLU B 36 -52.73 -23.32 2.96
C GLU B 36 -51.99 -22.10 3.46
N LYS B 37 -52.55 -21.33 4.39
CA LYS B 37 -51.83 -20.20 4.96
C LYS B 37 -50.63 -20.68 5.77
N PHE B 38 -50.74 -21.86 6.37
CA PHE B 38 -49.59 -22.45 7.03
C PHE B 38 -48.37 -22.51 6.12
N ASP B 39 -48.58 -22.86 4.84
CA ASP B 39 -47.46 -22.95 3.90
C ASP B 39 -46.90 -21.57 3.58
N LEU B 40 -47.78 -20.59 3.35
CA LEU B 40 -47.34 -19.22 3.25
C LEU B 40 -46.54 -18.80 4.48
N ALA B 41 -46.99 -19.21 5.66
CA ALA B 41 -46.25 -18.90 6.87
C ALA B 41 -44.87 -19.54 6.86
N THR B 42 -44.77 -20.80 6.44
CA THR B 42 -43.46 -21.45 6.37
C THR B 42 -42.54 -20.71 5.42
N VAL B 43 -43.04 -20.34 4.24
CA VAL B 43 -42.17 -19.71 3.26
C VAL B 43 -41.86 -18.27 3.69
N TYR B 44 -42.61 -17.72 4.65
CA TYR B 44 -42.25 -16.42 5.21
C TYR B 44 -41.25 -16.57 6.34
N VAL B 45 -41.27 -17.69 7.04
CA VAL B 45 -40.39 -17.89 8.19
C VAL B 45 -39.11 -18.60 7.76
N SER B 46 -39.23 -19.54 6.82
CA SER B 46 -38.09 -20.37 6.45
C SER B 46 -36.96 -19.55 5.85
N ASP B 47 -37.21 -18.27 5.58
CA ASP B 47 -36.17 -17.34 5.14
C ASP B 47 -35.81 -16.47 6.34
N ALA B 48 -34.95 -17.02 7.20
CA ALA B 48 -34.31 -16.26 8.26
C ALA B 48 -33.05 -15.56 7.77
N LYS B 49 -32.81 -15.57 6.46
CA LYS B 49 -31.62 -14.95 5.88
C LYS B 49 -31.90 -14.09 4.67
N TYR B 50 -33.02 -14.26 3.97
CA TYR B 50 -33.26 -13.56 2.72
C TYR B 50 -33.75 -12.14 2.97
N ASN B 51 -34.03 -11.44 1.87
CA ASN B 51 -34.58 -10.08 1.91
C ASN B 51 -35.28 -9.85 0.59
N ARG B 52 -36.62 -9.95 0.60
CA ARG B 52 -37.45 -9.69 -0.57
C ARG B 52 -38.90 -9.84 -0.17
N ASN B 53 -39.79 -9.46 -1.08
CA ASN B 53 -41.20 -9.75 -0.94
C ASN B 53 -41.63 -10.71 -2.05
N ILE B 54 -42.59 -11.57 -1.73
CA ILE B 54 -43.05 -12.58 -2.65
C ILE B 54 -44.51 -12.33 -2.96
N PHE B 55 -45.12 -13.15 -3.79
CA PHE B 55 -46.56 -13.16 -3.92
C PHE B 55 -47.15 -13.98 -2.78
N PHE B 56 -47.90 -13.32 -1.89
CA PHE B 56 -48.66 -14.05 -0.90
C PHE B 56 -49.65 -14.96 -1.62
N ASP B 57 -49.62 -16.25 -1.32
CA ASP B 57 -50.32 -17.23 -2.13
C ASP B 57 -51.81 -16.96 -2.18
N THR B 58 -52.36 -16.92 -3.39
CA THR B 58 -53.79 -17.00 -3.63
C THR B 58 -54.13 -18.14 -4.57
N SER B 59 -53.33 -18.34 -5.62
CA SER B 59 -53.45 -19.52 -6.46
C SER B 59 -52.44 -20.55 -5.99
N PRO B 60 -52.89 -21.72 -5.52
CA PRO B 60 -51.99 -22.62 -4.76
C PRO B 60 -50.72 -23.02 -5.49
N GLN B 61 -50.60 -22.77 -6.79
CA GLN B 61 -49.36 -23.06 -7.49
C GLN B 61 -48.42 -21.86 -7.54
N ALA B 62 -48.92 -20.66 -7.22
CA ALA B 62 -48.12 -19.44 -7.31
C ALA B 62 -47.25 -19.23 -6.08
N VAL B 63 -47.19 -20.20 -5.17
CA VAL B 63 -46.21 -20.14 -4.09
C VAL B 63 -45.36 -21.40 -4.19
N LYS B 64 -45.93 -22.45 -4.78
CA LYS B 64 -45.12 -23.60 -5.15
C LYS B 64 -44.07 -23.18 -6.17
N LEU B 65 -44.43 -22.26 -7.07
CA LEU B 65 -43.45 -21.75 -8.02
C LEU B 65 -42.35 -20.97 -7.32
N TYR B 66 -42.67 -20.33 -6.20
CA TYR B 66 -41.62 -19.65 -5.43
C TYR B 66 -40.72 -20.67 -4.74
N LEU B 67 -41.34 -21.66 -4.08
CA LEU B 67 -40.57 -22.68 -3.39
C LEU B 67 -39.64 -23.40 -4.35
N LEU B 68 -40.10 -23.61 -5.59
CA LEU B 68 -39.24 -24.17 -6.62
C LEU B 68 -38.21 -23.16 -7.07
N TYR B 69 -38.58 -21.88 -7.10
CA TYR B 69 -37.63 -20.85 -7.52
C TYR B 69 -36.45 -20.77 -6.58
N ASN B 70 -36.71 -20.51 -5.31
CA ASN B 70 -35.63 -20.39 -4.34
C ASN B 70 -35.00 -21.74 -4.00
N HIS B 71 -35.46 -22.84 -4.60
CA HIS B 71 -34.89 -24.15 -4.33
C HIS B 71 -33.41 -24.18 -4.69
N TRP B 72 -32.59 -24.66 -3.77
CA TRP B 72 -31.14 -24.64 -3.88
C TRP B 72 -30.62 -25.05 -5.25
N PHE B 73 -31.27 -26.02 -5.88
CA PHE B 73 -30.74 -26.54 -7.14
C PHE B 73 -30.89 -25.51 -8.25
N MET B 74 -32.03 -24.84 -8.34
CA MET B 74 -32.16 -23.77 -9.32
C MET B 74 -31.23 -22.62 -9.00
N GLN B 75 -31.00 -22.33 -7.72
CA GLN B 75 -30.10 -21.26 -7.33
C GLN B 75 -28.66 -21.56 -7.75
N THR B 76 -28.26 -22.82 -7.72
CA THR B 76 -26.91 -23.15 -8.17
C THR B 76 -26.86 -23.38 -9.67
N LEU B 77 -28.00 -23.73 -10.27
CA LEU B 77 -28.05 -23.90 -11.71
C LEU B 77 -27.92 -22.57 -12.43
N VAL B 78 -28.56 -21.52 -11.92
CA VAL B 78 -28.35 -20.21 -12.52
C VAL B 78 -26.91 -19.74 -12.37
N TYR B 79 -26.23 -20.10 -11.29
CA TYR B 79 -24.85 -19.67 -11.14
C TYR B 79 -23.91 -20.47 -12.03
N VAL B 80 -24.15 -21.77 -12.19
CA VAL B 80 -23.33 -22.50 -13.15
C VAL B 80 -23.62 -22.07 -14.57
N PHE B 81 -24.84 -21.61 -14.87
CA PHE B 81 -25.11 -21.06 -16.19
C PHE B 81 -24.48 -19.70 -16.40
N ILE B 82 -24.33 -18.91 -15.34
CA ILE B 82 -23.55 -17.68 -15.45
C ILE B 82 -22.08 -17.99 -15.66
N ILE B 83 -21.57 -19.01 -14.97
CA ILE B 83 -20.16 -19.35 -15.08
C ILE B 83 -19.86 -19.91 -16.46
N ILE B 84 -20.77 -20.72 -17.02
CA ILE B 84 -20.58 -21.17 -18.39
C ILE B 84 -20.54 -19.98 -19.33
N ASN B 85 -21.45 -19.03 -19.16
CA ASN B 85 -21.51 -17.88 -20.03
C ASN B 85 -20.23 -17.05 -19.94
N LEU B 86 -19.69 -16.89 -18.73
CA LEU B 86 -18.45 -16.16 -18.58
C LEU B 86 -17.29 -16.93 -19.19
N ALA B 87 -17.05 -18.15 -18.73
CA ALA B 87 -15.96 -18.99 -19.20
C ALA B 87 -16.08 -19.34 -20.66
N LEU B 88 -17.15 -18.93 -21.32
CA LEU B 88 -17.17 -18.99 -22.78
C LEU B 88 -16.06 -18.16 -23.39
N ALA B 89 -15.56 -17.15 -22.67
CA ALA B 89 -14.49 -16.31 -23.18
C ALA B 89 -13.19 -17.09 -23.39
N LEU B 90 -13.08 -18.29 -22.84
CA LEU B 90 -11.91 -19.13 -23.11
C LEU B 90 -11.85 -19.57 -24.56
N PHE B 91 -12.96 -19.47 -25.29
CA PHE B 91 -13.02 -20.02 -26.63
C PHE B 91 -13.28 -19.01 -27.72
N GLU B 92 -13.73 -17.79 -27.39
CA GLU B 92 -14.42 -17.07 -28.44
C GLU B 92 -13.55 -16.26 -29.40
N ASP B 93 -13.15 -15.04 -29.03
CA ASP B 93 -12.48 -14.27 -30.09
C ASP B 93 -10.97 -14.46 -30.07
N PRO B 94 -10.24 -14.06 -28.99
CA PRO B 94 -8.94 -14.68 -28.74
C PRO B 94 -9.12 -15.86 -27.79
N ALA B 95 -8.78 -17.06 -28.23
CA ALA B 95 -9.15 -18.26 -27.49
C ALA B 95 -7.92 -18.98 -26.98
N VAL B 96 -8.03 -19.51 -25.76
CA VAL B 96 -7.08 -20.53 -25.34
C VAL B 96 -7.41 -21.84 -26.02
N VAL B 97 -8.68 -22.08 -26.29
CA VAL B 97 -9.15 -23.23 -27.05
C VAL B 97 -10.06 -22.72 -28.15
N PRO B 98 -9.58 -22.65 -29.38
CA PRO B 98 -10.41 -22.09 -30.47
C PRO B 98 -11.61 -22.95 -30.79
N LEU B 99 -12.80 -22.42 -30.57
CA LEU B 99 -14.05 -23.10 -30.83
C LEU B 99 -14.85 -22.38 -31.90
N PRO B 100 -15.45 -23.10 -32.85
CA PRO B 100 -16.15 -22.43 -33.95
C PRO B 100 -17.28 -21.56 -33.43
N ILE B 101 -17.52 -20.47 -34.17
CA ILE B 101 -18.52 -19.50 -33.74
C ILE B 101 -19.90 -20.12 -33.63
N TRP B 102 -20.25 -21.06 -34.51
CA TRP B 102 -21.53 -21.73 -34.38
C TRP B 102 -21.62 -22.54 -33.11
N ALA B 103 -20.49 -22.98 -32.58
CA ALA B 103 -20.44 -23.82 -31.39
C ALA B 103 -20.32 -23.04 -30.10
N THR B 104 -19.63 -21.91 -30.13
CA THR B 104 -19.57 -21.05 -28.96
C THR B 104 -20.66 -20.00 -28.96
N SER B 105 -21.56 -20.03 -29.96
CA SER B 105 -22.80 -19.29 -29.89
C SER B 105 -23.96 -20.13 -29.42
N THR B 106 -23.98 -21.42 -29.75
CA THR B 106 -25.05 -22.29 -29.27
C THR B 106 -24.86 -22.72 -27.83
N ILE B 107 -23.78 -22.29 -27.18
CA ILE B 107 -23.66 -22.51 -25.73
C ILE B 107 -24.26 -21.33 -24.98
N GLU B 108 -23.90 -20.11 -25.36
CA GLU B 108 -24.51 -18.95 -24.76
C GLU B 108 -25.91 -18.70 -25.27
N THR B 109 -26.36 -19.45 -26.28
CA THR B 109 -27.78 -19.41 -26.57
C THR B 109 -28.57 -20.15 -25.50
N ILE B 110 -28.09 -21.31 -25.07
CA ILE B 110 -28.74 -22.01 -23.96
C ILE B 110 -28.49 -21.33 -22.63
N CYS B 111 -27.37 -20.61 -22.48
CA CYS B 111 -27.18 -19.83 -21.25
C CYS B 111 -28.18 -18.69 -21.18
N LEU B 112 -28.32 -17.91 -22.25
CA LEU B 112 -29.31 -16.85 -22.27
C LEU B 112 -30.73 -17.39 -22.20
N SER B 113 -30.99 -18.59 -22.74
CA SER B 113 -32.28 -19.21 -22.57
C SER B 113 -32.54 -19.64 -21.13
N ALA B 114 -31.51 -20.11 -20.42
CA ALA B 114 -31.67 -20.40 -19.01
C ALA B 114 -32.00 -19.13 -18.23
N PHE B 115 -31.32 -18.03 -18.54
CA PHE B 115 -31.64 -16.78 -17.87
C PHE B 115 -33.03 -16.28 -18.22
N THR B 116 -33.46 -16.45 -19.48
CA THR B 116 -34.80 -16.06 -19.86
C THR B 116 -35.85 -16.89 -19.13
N VAL B 117 -35.66 -18.22 -19.09
CA VAL B 117 -36.58 -19.10 -18.39
C VAL B 117 -36.59 -18.82 -16.90
N ARG B 118 -35.48 -18.42 -16.31
CA ARG B 118 -35.48 -18.02 -14.93
C ARG B 118 -36.18 -16.70 -14.69
N ILE B 119 -36.05 -15.74 -15.61
CA ILE B 119 -36.65 -14.43 -15.39
C ILE B 119 -38.15 -14.47 -15.63
N ILE B 120 -38.61 -15.28 -16.58
CA ILE B 120 -40.05 -15.41 -16.77
C ILE B 120 -40.65 -16.22 -15.63
N HIS B 121 -39.90 -17.16 -15.07
CA HIS B 121 -40.38 -17.87 -13.89
C HIS B 121 -40.46 -16.95 -12.69
N TYR B 122 -39.46 -16.08 -12.52
CA TYR B 122 -39.53 -15.06 -11.47
C TYR B 122 -40.72 -14.13 -11.66
N ALA B 123 -40.97 -13.71 -12.89
CA ALA B 123 -42.18 -12.92 -13.18
C ALA B 123 -43.45 -13.70 -12.87
N LYS B 124 -43.41 -15.02 -13.01
CA LYS B 124 -44.53 -15.85 -12.58
C LYS B 124 -44.59 -15.99 -11.07
N VAL B 125 -43.52 -15.66 -10.36
CA VAL B 125 -43.56 -15.64 -8.90
C VAL B 125 -44.07 -14.31 -8.38
N ILE B 126 -43.43 -13.20 -8.76
CA ILE B 126 -43.82 -11.88 -8.30
C ILE B 126 -44.95 -11.35 -9.16
N PRO B 127 -46.00 -10.78 -8.58
CA PRO B 127 -47.11 -10.26 -9.40
C PRO B 127 -46.63 -9.16 -10.34
N LYS B 128 -47.44 -8.89 -11.37
CA LYS B 128 -47.03 -7.94 -12.40
C LYS B 128 -47.26 -6.51 -11.93
N ASP B 129 -46.78 -6.19 -10.73
CA ASP B 129 -46.79 -4.83 -10.21
C ASP B 129 -45.41 -4.32 -9.86
N LYS B 130 -44.63 -5.09 -9.11
CA LYS B 130 -43.27 -4.72 -8.74
C LYS B 130 -42.23 -5.42 -9.59
N PHE B 131 -42.63 -6.36 -10.43
CA PHE B 131 -41.68 -7.01 -11.32
C PHE B 131 -41.11 -6.02 -12.32
N TRP B 132 -41.92 -5.05 -12.73
CA TRP B 132 -41.52 -4.18 -13.84
C TRP B 132 -40.73 -2.97 -13.41
N LYS B 133 -40.84 -2.67 -12.17
CA LYS B 133 -40.17 -1.58 -11.66
C LYS B 133 -38.81 -1.88 -11.21
N ASP B 134 -38.47 -3.09 -10.84
CA ASP B 134 -37.14 -3.31 -10.31
C ASP B 134 -36.10 -3.07 -11.34
N PRO B 135 -35.03 -2.43 -11.00
CA PRO B 135 -34.00 -2.20 -11.94
C PRO B 135 -33.45 -3.46 -12.24
N LYS B 136 -33.27 -4.35 -11.27
CA LYS B 136 -32.57 -5.61 -11.53
C LYS B 136 -33.22 -6.37 -12.69
N ASN B 137 -34.56 -6.35 -12.77
CA ASN B 137 -35.23 -7.09 -13.83
C ASN B 137 -35.05 -6.40 -15.17
N ILE B 138 -35.20 -5.07 -15.19
CA ILE B 138 -34.95 -4.32 -16.41
C ILE B 138 -33.54 -4.59 -16.90
N CYS B 139 -32.56 -4.52 -16.01
CA CYS B 139 -31.18 -4.75 -16.41
C CYS B 139 -30.96 -6.18 -16.88
N ILE B 140 -31.62 -7.15 -16.26
CA ILE B 140 -31.43 -8.53 -16.69
C ILE B 140 -31.98 -8.74 -18.08
N ILE B 141 -33.22 -8.30 -18.35
CA ILE B 141 -33.75 -8.50 -19.69
C ILE B 141 -32.98 -7.65 -20.69
N ILE B 142 -32.42 -6.52 -20.25
CA ILE B 142 -31.65 -5.68 -21.17
C ILE B 142 -30.36 -6.38 -21.57
N ILE B 143 -29.62 -6.91 -20.59
CA ILE B 143 -28.35 -7.52 -20.94
C ILE B 143 -28.56 -8.85 -21.65
N VAL B 144 -29.66 -9.54 -21.37
CA VAL B 144 -29.97 -10.75 -22.13
C VAL B 144 -30.30 -10.40 -23.57
N THR B 145 -31.13 -9.37 -23.77
CA THR B 145 -31.49 -8.96 -25.13
C THR B 145 -30.28 -8.47 -25.89
N LEU B 146 -29.40 -7.71 -25.23
CA LEU B 146 -28.22 -7.21 -25.90
C LEU B 146 -27.23 -8.32 -26.21
N SER B 147 -27.01 -9.26 -25.29
CA SER B 147 -26.16 -10.39 -25.60
C SER B 147 -26.72 -11.21 -26.76
N PHE B 148 -28.04 -11.41 -26.78
CA PHE B 148 -28.64 -12.20 -27.85
C PHE B 148 -28.65 -11.48 -29.18
N ILE B 149 -28.75 -10.15 -29.18
CA ILE B 149 -28.69 -9.41 -30.43
C ILE B 149 -27.26 -9.36 -30.95
N ASP B 150 -26.30 -9.15 -30.06
CA ASP B 150 -24.91 -9.12 -30.46
C ASP B 150 -24.45 -10.49 -30.95
N MET B 151 -24.96 -11.57 -30.34
CA MET B 151 -24.57 -12.90 -30.77
C MET B 151 -24.96 -13.17 -32.21
N VAL B 152 -26.10 -12.65 -32.64
CA VAL B 152 -26.55 -12.93 -34.00
C VAL B 152 -26.02 -11.88 -34.97
N ILE B 153 -25.77 -10.65 -34.52
CA ILE B 153 -25.16 -9.64 -35.38
C ILE B 153 -23.68 -10.01 -35.54
N TYR B 154 -23.19 -10.92 -34.72
CA TYR B 154 -21.93 -11.60 -34.96
C TYR B 154 -22.16 -12.76 -35.92
N GLY B 155 -23.26 -12.68 -36.65
CA GLY B 155 -23.45 -13.44 -37.87
C GLY B 155 -22.69 -12.72 -38.94
N ALA B 156 -21.36 -12.94 -38.96
CA ALA B 156 -20.35 -12.09 -39.59
C ALA B 156 -20.75 -11.56 -40.96
N LEU B 157 -21.64 -12.25 -41.67
CA LEU B 157 -22.09 -11.83 -42.99
C LEU B 157 -20.93 -11.81 -43.97
N LYS B 158 -20.35 -12.99 -44.21
CA LYS B 158 -19.26 -13.16 -45.16
C LYS B 158 -18.01 -12.41 -44.73
N ALA B 159 -17.52 -12.78 -43.55
CA ALA B 159 -16.19 -12.37 -43.06
C ALA B 159 -16.08 -10.86 -42.90
N THR B 160 -17.20 -10.16 -42.74
CA THR B 160 -17.17 -8.72 -42.45
C THR B 160 -16.83 -8.55 -40.97
N GLY B 161 -15.64 -9.02 -40.60
CA GLY B 161 -15.28 -9.19 -39.21
C GLY B 161 -15.12 -7.90 -38.44
N HIS B 162 -15.02 -6.77 -39.12
CA HIS B 162 -14.96 -5.45 -38.50
C HIS B 162 -13.81 -5.32 -37.50
N TYR B 163 -12.79 -6.16 -37.63
CA TYR B 163 -11.61 -6.22 -36.76
C TYR B 163 -11.94 -5.94 -35.30
N GLY B 164 -12.96 -6.61 -34.78
CA GLY B 164 -13.35 -6.56 -33.38
C GLY B 164 -14.82 -6.29 -33.17
N ILE B 165 -15.49 -7.28 -32.57
CA ILE B 165 -16.93 -7.31 -32.38
C ILE B 165 -17.18 -7.86 -30.98
N ARG B 166 -18.42 -8.21 -30.67
CA ARG B 166 -18.81 -8.77 -29.38
C ARG B 166 -18.68 -7.71 -28.29
N TRP B 167 -19.39 -6.61 -28.51
CA TRP B 167 -19.47 -5.52 -27.56
C TRP B 167 -20.34 -5.85 -26.36
N SER B 168 -20.88 -7.07 -26.30
CA SER B 168 -21.75 -7.47 -25.20
C SER B 168 -21.06 -8.40 -24.22
N ARG B 169 -19.84 -8.83 -24.50
CA ARG B 169 -19.09 -9.65 -23.57
C ARG B 169 -18.80 -8.91 -22.27
N VAL B 170 -18.80 -7.58 -22.27
CA VAL B 170 -18.61 -6.84 -21.04
C VAL B 170 -19.87 -6.87 -20.18
N LEU B 171 -21.02 -7.23 -20.75
CA LEU B 171 -22.27 -7.34 -20.01
C LEU B 171 -22.45 -8.70 -19.38
N ARG B 172 -21.61 -9.67 -19.73
CA ARG B 172 -21.70 -11.00 -19.15
C ARG B 172 -21.53 -10.99 -17.65
N PRO B 173 -20.49 -10.37 -17.09
CA PRO B 173 -20.34 -10.39 -15.63
C PRO B 173 -21.34 -9.52 -14.89
N LEU B 174 -22.22 -8.81 -15.60
CA LEU B 174 -23.26 -8.06 -14.93
C LEU B 174 -24.46 -8.92 -14.59
N LEU B 175 -24.63 -10.05 -15.25
CA LEU B 175 -25.56 -11.07 -14.76
C LEU B 175 -25.18 -11.51 -13.36
N LEU B 176 -23.88 -11.61 -13.10
CA LEU B 176 -23.40 -12.01 -11.79
C LEU B 176 -23.88 -11.06 -10.71
N VAL B 177 -24.20 -9.82 -11.08
CA VAL B 177 -24.61 -8.81 -10.12
C VAL B 177 -26.13 -8.73 -10.08
N ASN B 178 -26.74 -8.53 -11.24
CA ASN B 178 -28.15 -8.18 -11.29
C ASN B 178 -29.06 -9.40 -11.34
N VAL B 179 -28.54 -10.59 -11.05
CA VAL B 179 -29.39 -11.75 -10.91
C VAL B 179 -30.09 -11.71 -9.55
N THR B 180 -31.18 -12.47 -9.44
CA THR B 180 -31.98 -12.44 -8.22
C THR B 180 -31.23 -12.93 -6.99
N GLU B 181 -30.26 -13.82 -7.16
CA GLU B 181 -29.46 -14.31 -6.05
C GLU B 181 -28.27 -13.41 -5.75
N GLY B 182 -28.11 -12.33 -6.50
CA GLY B 182 -27.00 -11.42 -6.30
C GLY B 182 -27.28 -10.34 -5.28
N ARG B 183 -28.32 -10.55 -4.47
CA ARG B 183 -28.62 -9.60 -3.41
C ARG B 183 -27.43 -9.37 -2.49
N GLN B 184 -26.55 -10.35 -2.36
CA GLN B 184 -25.33 -10.16 -1.59
C GLN B 184 -24.29 -9.33 -2.35
N LEU B 185 -24.48 -9.11 -3.64
CA LEU B 185 -23.53 -8.34 -4.44
C LEU B 185 -24.10 -7.00 -4.87
N ARG B 186 -25.29 -6.98 -5.50
CA ARG B 186 -25.88 -5.71 -5.88
C ARG B 186 -26.16 -4.81 -4.69
N ARG B 187 -26.20 -5.37 -3.48
CA ARG B 187 -26.15 -4.52 -2.30
C ARG B 187 -24.75 -3.98 -2.08
N ALA B 188 -23.72 -4.84 -2.22
CA ALA B 188 -22.35 -4.38 -2.13
C ALA B 188 -21.93 -3.50 -3.30
N PHE B 189 -22.79 -3.35 -4.30
CA PHE B 189 -22.54 -2.36 -5.35
C PHE B 189 -23.16 -1.03 -5.01
N ARG B 190 -24.28 -1.01 -4.29
CA ARG B 190 -24.79 0.24 -3.77
C ARG B 190 -23.82 0.87 -2.79
N SER B 191 -23.02 0.06 -2.09
CA SER B 191 -22.00 0.62 -1.21
C SER B 191 -21.00 1.45 -2.00
N ILE B 192 -20.66 1.02 -3.21
CA ILE B 192 -19.73 1.79 -4.03
C ILE B 192 -20.47 2.94 -4.74
N ARG B 193 -21.72 2.73 -5.14
CA ARG B 193 -22.52 3.81 -5.70
C ARG B 193 -22.68 4.96 -4.71
N ASN B 194 -22.68 4.68 -3.41
CA ASN B 194 -22.72 5.74 -2.42
C ASN B 194 -21.35 6.34 -2.16
N ALA B 195 -20.28 5.59 -2.38
CA ALA B 195 -18.94 6.11 -2.12
C ALA B 195 -18.45 7.02 -3.24
N LEU B 196 -19.11 7.01 -4.39
CA LEU B 196 -18.60 7.78 -5.52
C LEU B 196 -18.73 9.29 -5.32
N PRO B 197 -19.86 9.85 -4.85
CA PRO B 197 -19.88 11.30 -4.59
C PRO B 197 -18.84 11.77 -3.59
N GLN B 198 -18.12 10.86 -2.95
CA GLN B 198 -17.00 11.21 -2.08
C GLN B 198 -15.66 10.78 -2.64
N ILE B 199 -15.60 9.60 -3.27
CA ILE B 199 -14.35 9.17 -3.88
C ILE B 199 -13.96 10.10 -5.01
N SER B 200 -14.94 10.53 -5.81
CA SER B 200 -14.65 11.53 -6.83
C SER B 200 -14.42 12.91 -6.22
N TYR B 201 -15.14 13.23 -5.15
CA TYR B 201 -14.89 14.45 -4.39
C TYR B 201 -13.42 14.58 -4.00
N VAL B 202 -12.80 13.47 -3.63
CA VAL B 202 -11.39 13.45 -3.23
C VAL B 202 -10.47 13.28 -4.43
N PHE B 203 -10.89 12.50 -5.42
CA PHE B 203 -10.04 12.27 -6.58
C PHE B 203 -9.89 13.54 -7.42
N PHE B 204 -10.87 14.43 -7.37
CA PHE B 204 -10.70 15.70 -8.03
C PHE B 204 -9.55 16.49 -7.41
N LEU B 205 -9.51 16.58 -6.08
CA LEU B 205 -8.40 17.22 -5.40
C LEU B 205 -7.09 16.51 -5.70
N PHE B 206 -7.12 15.19 -5.76
CA PHE B 206 -5.89 14.44 -6.01
C PHE B 206 -5.36 14.69 -7.40
N MET B 207 -6.22 14.64 -8.41
CA MET B 207 -5.78 14.91 -9.77
C MET B 207 -5.39 16.37 -9.94
N PHE B 208 -6.02 17.27 -9.18
CA PHE B 208 -5.57 18.66 -9.21
C PHE B 208 -4.18 18.79 -8.62
N SER B 209 -3.90 18.08 -7.53
CA SER B 209 -2.56 18.07 -6.97
C SER B 209 -1.55 17.54 -7.99
N VAL B 210 -1.89 16.45 -8.67
CA VAL B 210 -0.98 15.89 -9.66
C VAL B 210 -0.77 16.88 -10.80
N LEU B 211 -1.82 17.56 -11.23
CA LEU B 211 -1.72 18.49 -12.35
C LEU B 211 -0.97 19.76 -12.00
N VAL B 212 -1.03 20.21 -10.74
CA VAL B 212 -0.32 21.43 -10.38
C VAL B 212 1.14 21.07 -10.07
N PHE B 213 1.36 19.87 -9.53
CA PHE B 213 2.72 19.42 -9.34
C PHE B 213 3.41 19.18 -10.67
N SER B 214 2.67 18.72 -11.67
CA SER B 214 3.27 18.54 -12.99
C SER B 214 3.62 19.88 -13.62
N LEU B 215 2.80 20.90 -13.39
CA LEU B 215 3.14 22.24 -13.83
C LEU B 215 4.37 22.76 -13.10
N MET B 216 4.46 22.51 -11.80
CA MET B 216 5.61 22.92 -11.02
C MET B 216 6.88 22.22 -11.48
N ALA B 217 6.77 20.96 -11.89
CA ALA B 217 7.92 20.22 -12.39
C ALA B 217 8.23 20.56 -13.83
N LEU B 218 7.29 21.13 -14.57
CA LEU B 218 7.58 21.57 -15.92
C LEU B 218 8.35 22.87 -15.93
N LYS B 219 8.03 23.79 -15.01
CA LYS B 219 8.78 25.02 -14.86
C LYS B 219 10.11 24.80 -14.15
N LEU B 220 10.23 23.71 -13.41
CA LEU B 220 11.50 23.17 -12.92
C LEU B 220 12.16 22.50 -14.12
N PHE B 221 13.01 21.51 -13.88
CA PHE B 221 13.62 20.76 -14.97
C PHE B 221 12.64 20.57 -16.11
N GLY B 222 12.97 21.10 -17.27
CA GLY B 222 11.99 21.22 -18.31
C GLY B 222 12.58 21.62 -19.64
N LYS B 223 11.72 21.98 -20.59
CA LYS B 223 12.22 22.49 -21.87
C LYS B 223 13.18 23.65 -21.65
N ARG B 224 12.98 24.40 -20.58
CA ARG B 224 13.98 25.36 -20.09
C ARG B 224 14.79 24.69 -18.98
N GLY B 225 15.35 23.55 -19.32
CA GLY B 225 16.20 22.82 -18.41
C GLY B 225 17.30 22.15 -19.20
N LEU B 226 17.98 21.21 -18.56
CA LEU B 226 19.15 20.59 -19.18
C LEU B 226 19.04 19.08 -19.34
N LEU B 227 18.65 18.38 -18.27
CA LEU B 227 19.02 16.98 -18.06
C LEU B 227 18.17 16.00 -18.87
N THR B 228 18.65 14.77 -18.94
CA THR B 228 18.06 13.69 -19.72
C THR B 228 17.81 12.48 -18.83
N ILE B 229 17.40 11.35 -19.40
CA ILE B 229 17.26 10.15 -18.58
C ILE B 229 18.18 9.05 -19.09
N ASN B 230 17.85 8.49 -20.24
CA ASN B 230 18.69 7.57 -20.99
C ASN B 230 18.32 7.77 -22.46
N GLY B 231 19.02 8.69 -23.11
CA GLY B 231 18.70 9.10 -24.45
C GLY B 231 17.38 9.84 -24.59
N SER B 232 16.70 10.09 -23.48
CA SER B 232 15.41 10.76 -23.55
C SER B 232 15.51 12.10 -22.84
N PRO B 233 14.67 13.07 -23.17
CA PRO B 233 14.63 14.31 -22.37
C PRO B 233 13.83 14.08 -21.11
N TYR B 234 14.21 14.71 -20.00
CA TYR B 234 13.73 14.22 -18.72
C TYR B 234 12.27 14.56 -18.48
N PHE B 235 11.96 15.84 -18.29
CA PHE B 235 10.60 16.30 -18.06
C PHE B 235 10.35 17.49 -18.98
N THR B 236 10.01 17.23 -20.23
CA THR B 236 9.92 18.34 -21.18
C THR B 236 8.48 18.63 -21.58
N ASP B 237 7.74 17.61 -21.99
CA ASP B 237 6.34 17.80 -22.36
C ASP B 237 5.44 17.50 -21.17
N TYR B 238 4.30 18.19 -21.14
CA TYR B 238 3.47 18.16 -19.95
C TYR B 238 2.72 16.84 -19.84
N MET B 239 2.17 16.34 -20.94
CA MET B 239 1.34 15.14 -20.85
C MET B 239 2.14 13.90 -20.50
N ASP B 240 3.47 13.92 -20.65
CA ASP B 240 4.30 12.85 -20.13
C ASP B 240 4.74 13.11 -18.70
N ILE B 241 4.87 14.37 -18.30
CA ILE B 241 5.16 14.69 -16.91
C ILE B 241 4.01 14.25 -16.01
N VAL B 242 2.78 14.57 -16.40
CA VAL B 242 1.63 14.21 -15.59
C VAL B 242 1.47 12.70 -15.47
N PHE B 243 1.85 11.94 -16.49
CA PHE B 243 1.78 10.49 -16.34
C PHE B 243 2.92 9.96 -15.48
N ASP B 244 4.14 10.45 -15.71
CA ASP B 244 5.26 10.05 -14.87
C ASP B 244 5.08 10.47 -13.42
N LEU B 245 4.36 11.55 -13.17
CA LEU B 245 4.04 11.94 -11.82
C LEU B 245 2.85 11.19 -11.25
N TYR B 246 1.91 10.76 -12.11
CA TYR B 246 0.83 9.92 -11.61
C TYR B 246 1.34 8.56 -11.20
N VAL B 247 2.19 7.96 -12.03
CA VAL B 247 2.74 6.66 -11.72
C VAL B 247 3.63 6.69 -10.50
N LEU B 248 4.24 7.84 -10.21
CA LEU B 248 4.98 8.02 -8.98
C LEU B 248 4.08 8.00 -7.75
N VAL B 249 2.85 8.49 -7.87
CA VAL B 249 1.87 8.27 -6.82
C VAL B 249 1.67 6.78 -6.58
N THR B 250 1.55 6.02 -7.67
CA THR B 250 1.43 4.57 -7.55
C THR B 250 2.77 3.95 -7.20
N THR B 251 3.80 4.79 -7.02
CA THR B 251 5.18 4.42 -6.80
C THR B 251 5.65 3.21 -7.59
N ALA B 252 5.29 3.13 -8.86
CA ALA B 252 5.85 2.08 -9.69
C ALA B 252 7.26 2.39 -10.15
N ASN B 253 7.67 3.67 -10.12
CA ASN B 253 8.99 4.09 -10.59
C ASN B 253 9.62 5.04 -9.60
N SER B 254 9.59 4.69 -8.32
CA SER B 254 9.94 5.63 -7.26
C SER B 254 11.37 6.16 -7.35
N PRO B 255 12.41 5.32 -7.37
CA PRO B 255 13.78 5.86 -7.42
C PRO B 255 14.31 6.15 -8.81
N ASP B 256 13.55 5.85 -9.86
CA ASP B 256 13.99 6.05 -11.23
C ASP B 256 13.46 7.32 -11.86
N VAL B 257 12.26 7.75 -11.47
CA VAL B 257 11.72 8.98 -12.01
C VAL B 257 12.46 10.19 -11.49
N MET B 258 13.14 10.06 -10.35
CA MET B 258 13.87 11.17 -9.76
C MET B 258 15.37 11.00 -9.83
N MET B 259 15.86 9.93 -10.46
CA MET B 259 17.29 9.68 -10.37
C MET B 259 18.07 10.73 -11.18
N PRO B 260 17.67 11.07 -12.40
CA PRO B 260 18.11 12.34 -12.95
C PRO B 260 17.34 13.42 -12.21
N ALA B 261 17.95 14.60 -12.10
CA ALA B 261 17.46 15.65 -11.21
C ALA B 261 17.46 15.17 -9.76
N TYR B 262 18.34 14.21 -9.50
CA TYR B 262 18.94 14.02 -8.19
C TYR B 262 20.41 13.78 -8.45
N ASN B 263 20.70 13.31 -9.66
CA ASN B 263 22.05 13.29 -10.19
C ASN B 263 22.49 14.68 -10.63
N SER B 264 21.59 15.65 -10.61
CA SER B 264 21.90 17.02 -10.99
C SER B 264 22.05 17.94 -9.78
N SER B 265 21.14 17.83 -8.81
CA SER B 265 21.26 18.62 -7.60
C SER B 265 20.39 18.00 -6.53
N VAL B 266 20.91 17.95 -5.31
CA VAL B 266 20.15 17.38 -4.20
C VAL B 266 18.92 18.21 -3.89
N TYR B 267 18.94 19.51 -4.19
CA TYR B 267 17.78 20.35 -3.87
C TYR B 267 16.56 20.01 -4.70
N PHE B 268 16.75 19.40 -5.87
CA PHE B 268 15.61 18.89 -6.62
C PHE B 268 14.90 17.77 -5.88
N THR B 269 15.60 17.08 -4.96
CA THR B 269 14.96 16.01 -4.23
C THR B 269 13.78 16.51 -3.42
N ILE B 270 13.90 17.69 -2.81
CA ILE B 270 12.81 18.26 -2.02
C ILE B 270 11.49 18.24 -2.77
N PHE B 271 11.52 18.48 -4.09
CA PHE B 271 10.29 18.43 -4.87
C PHE B 271 9.64 17.07 -4.77
N PHE B 272 10.40 16.00 -4.99
CA PHE B 272 9.84 14.65 -4.92
C PHE B 272 9.54 14.22 -3.49
N ILE B 273 10.34 14.66 -2.52
CA ILE B 273 10.03 14.38 -1.13
C ILE B 273 8.66 14.94 -0.77
N LEU B 274 8.37 16.15 -1.23
CA LEU B 274 7.06 16.73 -1.01
C LEU B 274 5.98 16.01 -1.81
N TYR B 275 6.26 15.71 -3.07
CA TYR B 275 5.27 15.06 -3.91
C TYR B 275 4.83 13.72 -3.33
N ILE B 276 5.79 12.91 -2.87
CA ILE B 276 5.46 11.60 -2.33
C ILE B 276 4.66 11.69 -1.05
N VAL B 277 5.04 12.56 -0.12
CA VAL B 277 4.30 12.66 1.14
C VAL B 277 2.94 13.33 0.93
N ILE B 278 2.78 14.15 -0.09
CA ILE B 278 1.50 14.77 -0.38
C ILE B 278 0.58 13.81 -1.11
N ASN B 279 1.10 13.06 -2.08
CA ASN B 279 0.26 12.22 -2.93
C ASN B 279 0.36 10.74 -2.57
N THR B 280 1.58 10.19 -2.57
CA THR B 280 1.72 8.75 -2.37
C THR B 280 1.19 8.32 -1.01
N TYR B 281 1.37 9.14 0.01
CA TYR B 281 1.03 8.71 1.36
C TYR B 281 -0.20 9.39 1.92
N THR B 282 -0.39 10.67 1.60
CA THR B 282 -1.55 11.39 2.13
C THR B 282 -2.80 11.12 1.30
N PHE B 283 -2.72 11.31 -0.01
CA PHE B 283 -3.90 11.13 -0.84
C PHE B 283 -4.25 9.66 -1.00
N MET B 284 -3.27 8.83 -1.35
CA MET B 284 -3.54 7.41 -1.53
C MET B 284 -4.06 6.76 -0.27
N SER B 285 -3.87 7.38 0.88
CA SER B 285 -4.51 6.91 2.09
C SER B 285 -5.80 7.65 2.39
N PHE B 286 -6.01 8.84 1.82
CA PHE B 286 -7.32 9.45 1.90
C PHE B 286 -8.34 8.64 1.13
N PHE B 287 -7.94 8.06 -0.01
CA PHE B 287 -8.84 7.16 -0.72
C PHE B 287 -9.21 5.95 0.13
N LEU B 288 -8.24 5.37 0.82
CA LEU B 288 -8.55 4.26 1.71
C LEU B 288 -9.45 4.71 2.84
N ALA B 289 -9.23 5.91 3.37
CA ALA B 289 -10.10 6.41 4.43
C ALA B 289 -11.53 6.57 3.94
N VAL B 290 -11.71 7.12 2.74
CA VAL B 290 -13.06 7.29 2.19
C VAL B 290 -13.71 5.95 1.93
N VAL B 291 -12.98 5.02 1.32
CA VAL B 291 -13.54 3.70 1.01
C VAL B 291 -13.91 2.98 2.29
N TYR B 292 -13.04 3.02 3.30
CA TYR B 292 -13.33 2.34 4.55
C TYR B 292 -14.48 3.01 5.29
N ASN B 293 -14.58 4.33 5.23
CA ASN B 293 -15.72 5.00 5.85
C ASN B 293 -17.01 4.59 5.19
N ASN B 294 -17.03 4.54 3.86
CA ASN B 294 -18.26 4.15 3.17
C ASN B 294 -18.61 2.69 3.40
N TYR B 295 -17.60 1.82 3.48
CA TYR B 295 -17.87 0.41 3.78
C TYR B 295 -18.42 0.26 5.20
N LYS B 296 -17.79 0.92 6.17
CA LYS B 296 -18.27 0.88 7.54
C LYS B 296 -19.67 1.47 7.65
N LYS B 297 -19.99 2.46 6.83
CA LYS B 297 -21.30 3.09 6.84
C LYS B 297 -22.36 2.24 6.14
N TYR B 298 -21.98 1.44 5.16
CA TYR B 298 -22.94 0.56 4.52
C TYR B 298 -23.10 -0.75 5.25
N LEU B 299 -22.14 -1.14 6.08
CA LEU B 299 -22.34 -2.34 6.88
C LEU B 299 -23.49 -2.18 7.85
N LYS B 300 -23.61 -1.01 8.48
CA LYS B 300 -24.72 -0.74 9.37
C LYS B 300 -25.99 -0.39 8.62
N GLU B 301 -25.99 -0.50 7.30
CA GLU B 301 -27.21 -0.38 6.52
C GLU B 301 -27.48 -1.61 5.67
N GLU B 302 -26.63 -2.63 5.78
CA GLU B 302 -27.00 -3.98 5.36
C GLU B 302 -27.65 -4.70 6.53
N VAL B 303 -26.91 -4.84 7.62
CA VAL B 303 -27.53 -5.07 8.91
C VAL B 303 -28.33 -3.84 9.30
N ARG B 304 -29.34 -4.03 10.15
CA ARG B 304 -30.26 -3.00 10.60
C ARG B 304 -31.14 -2.50 9.48
N GLN B 305 -30.95 -3.00 8.27
CA GLN B 305 -31.92 -2.88 7.19
C GLN B 305 -32.35 -4.24 6.69
N LEU B 306 -31.52 -5.26 6.90
CA LEU B 306 -31.97 -6.64 6.79
C LEU B 306 -32.68 -7.08 8.05
N VAL B 307 -32.23 -6.61 9.22
CA VAL B 307 -32.88 -6.93 10.48
C VAL B 307 -34.32 -6.44 10.47
N LYS B 308 -34.55 -5.23 10.00
CA LYS B 308 -35.92 -4.77 9.80
C LYS B 308 -36.58 -5.49 8.64
N ALA B 309 -35.78 -5.98 7.68
CA ALA B 309 -36.34 -6.78 6.60
C ALA B 309 -36.59 -8.21 7.04
N LYS B 310 -36.25 -8.54 8.29
CA LYS B 310 -36.54 -9.87 8.80
C LYS B 310 -37.79 -9.87 9.66
N ARG B 311 -37.90 -8.92 10.61
CA ARG B 311 -39.04 -8.91 11.50
C ARG B 311 -40.31 -8.45 10.79
N ILE B 312 -40.20 -7.96 9.55
CA ILE B 312 -41.40 -7.66 8.79
C ILE B 312 -42.18 -8.93 8.55
N LYS B 313 -41.54 -9.94 7.95
CA LYS B 313 -42.20 -11.20 7.63
C LYS B 313 -42.22 -12.14 8.82
N MET B 314 -41.08 -12.32 9.50
CA MET B 314 -40.98 -13.31 10.56
C MET B 314 -42.03 -13.07 11.64
N CYS B 315 -42.31 -11.80 11.96
CA CYS B 315 -43.40 -11.47 12.86
C CYS B 315 -44.76 -11.45 12.16
N ARG B 316 -44.79 -11.24 10.84
CA ARG B 316 -46.05 -11.31 10.12
C ARG B 316 -46.67 -12.70 10.18
N ALA B 317 -45.85 -13.73 10.42
CA ALA B 317 -46.38 -15.09 10.53
C ALA B 317 -47.42 -15.19 11.63
N PHE B 318 -47.19 -14.48 12.74
CA PHE B 318 -48.20 -14.42 13.79
C PHE B 318 -49.54 -13.92 13.26
N SER B 319 -49.50 -12.89 12.42
CA SER B 319 -50.72 -12.37 11.81
C SER B 319 -51.10 -13.10 10.53
N LEU B 320 -50.28 -14.07 10.09
CA LEU B 320 -50.52 -14.79 8.84
C LEU B 320 -50.48 -16.30 9.06
N PRO B 407 -8.30 -51.83 30.08
CA PRO B 407 -7.12 -52.63 29.76
C PRO B 407 -6.13 -51.87 28.89
N SER B 408 -5.59 -52.56 27.87
CA SER B 408 -4.76 -51.88 26.88
C SER B 408 -5.56 -50.86 26.09
N ARG B 409 -6.82 -51.16 25.77
CA ARG B 409 -7.70 -50.20 25.11
C ARG B 409 -7.86 -48.92 25.93
N PHE B 410 -7.70 -49.00 27.26
CA PHE B 410 -7.72 -47.80 28.07
C PHE B 410 -6.48 -46.95 27.85
N ILE B 411 -5.36 -47.58 27.50
CA ILE B 411 -4.13 -46.82 27.31
C ILE B 411 -4.22 -45.97 26.05
N ARG B 412 -4.50 -46.59 24.91
CA ARG B 412 -4.62 -45.85 23.66
C ARG B 412 -5.69 -44.77 23.73
N GLN B 413 -6.63 -44.88 24.66
CA GLN B 413 -7.64 -43.86 24.84
C GLN B 413 -7.11 -42.63 25.57
N MET B 414 -6.08 -42.80 26.40
CA MET B 414 -5.61 -41.72 27.27
C MET B 414 -4.30 -41.12 26.84
N VAL B 415 -3.67 -41.63 25.78
CA VAL B 415 -2.39 -41.06 25.35
C VAL B 415 -2.61 -39.72 24.66
N HIS B 416 -3.78 -39.50 24.05
CA HIS B 416 -3.99 -38.30 23.27
C HIS B 416 -4.05 -37.04 24.14
N HIS B 417 -4.87 -37.06 25.20
CA HIS B 417 -5.04 -35.88 26.03
C HIS B 417 -3.85 -35.76 26.99
N ARG B 418 -2.65 -35.74 26.41
CA ARG B 418 -1.39 -35.73 27.14
C ARG B 418 -0.36 -35.00 26.30
N VAL B 419 0.92 -35.22 26.58
CA VAL B 419 1.95 -34.70 25.69
C VAL B 419 2.02 -35.65 24.51
N PHE B 420 1.12 -35.44 23.56
CA PHE B 420 1.02 -36.25 22.36
C PHE B 420 0.90 -35.40 21.10
N VAL B 421 0.36 -34.19 21.21
CA VAL B 421 0.36 -33.25 20.12
C VAL B 421 1.74 -32.62 20.05
N TYR B 422 2.44 -32.61 21.19
CA TYR B 422 3.83 -32.17 21.17
C TYR B 422 4.73 -33.19 20.48
N ALA B 423 4.31 -34.46 20.43
CA ALA B 423 5.07 -35.45 19.70
C ALA B 423 4.83 -35.35 18.20
N TYR B 424 3.61 -34.96 17.81
CA TYR B 424 3.32 -34.82 16.39
C TYR B 424 3.57 -33.40 15.89
N ASP B 425 3.82 -32.44 16.78
CA ASP B 425 4.31 -31.15 16.33
C ASP B 425 5.82 -31.19 16.14
N LEU B 426 6.48 -32.22 16.67
CA LEU B 426 7.88 -32.44 16.37
C LEU B 426 8.08 -33.35 15.17
N ILE B 427 7.27 -34.39 15.03
CA ILE B 427 7.34 -35.23 13.85
C ILE B 427 7.07 -34.42 12.59
N ILE B 428 6.14 -33.48 12.66
CA ILE B 428 5.92 -32.56 11.55
C ILE B 428 7.14 -31.69 11.34
N LEU B 429 7.72 -31.19 12.43
CA LEU B 429 8.86 -30.30 12.32
C LEU B 429 10.05 -31.03 11.68
N VAL B 430 10.31 -32.26 12.10
CA VAL B 430 11.39 -33.01 11.50
C VAL B 430 11.01 -33.47 10.10
N ASN B 431 9.72 -33.40 9.76
CA ASN B 431 9.29 -33.70 8.40
C ASN B 431 9.56 -32.54 7.45
N ALA B 432 9.48 -31.30 7.94
CA ALA B 432 9.83 -30.12 7.14
C ALA B 432 11.34 -29.97 6.99
N VAL B 433 12.11 -30.90 7.56
CA VAL B 433 13.54 -30.90 7.40
C VAL B 433 13.88 -32.07 6.50
N PHE B 434 12.98 -33.06 6.48
CA PHE B 434 13.09 -34.18 5.55
C PHE B 434 12.46 -33.86 4.21
N ILE B 435 12.07 -32.61 3.99
CA ILE B 435 11.55 -32.14 2.71
C ILE B 435 12.54 -31.23 2.01
N GLY B 436 13.04 -30.22 2.70
CA GLY B 436 13.96 -29.28 2.10
C GLY B 436 15.40 -29.72 2.12
N LEU B 437 15.64 -31.03 2.00
CA LEU B 437 17.01 -31.50 1.90
C LEU B 437 17.13 -32.62 0.86
N ASP B 438 16.05 -32.90 0.14
CA ASP B 438 15.99 -34.07 -0.73
C ASP B 438 17.03 -33.99 -1.83
N GLU B 439 17.79 -35.07 -1.96
CA GLU B 439 18.67 -35.27 -3.11
C GLU B 439 18.45 -36.67 -3.64
N GLU B 440 17.33 -37.28 -3.23
CA GLU B 440 16.92 -38.60 -3.64
C GLU B 440 17.93 -39.66 -3.23
N ASN B 441 18.27 -39.68 -1.95
CA ASN B 441 19.07 -40.76 -1.39
C ASN B 441 18.16 -41.74 -0.66
N PRO B 442 18.61 -42.98 -0.50
CA PRO B 442 17.79 -43.97 0.24
C PRO B 442 17.41 -43.51 1.64
N VAL B 443 18.22 -42.66 2.26
CA VAL B 443 17.92 -42.10 3.57
C VAL B 443 16.59 -41.34 3.51
N VAL B 444 16.41 -40.55 2.46
CA VAL B 444 15.24 -39.67 2.36
C VAL B 444 14.17 -40.21 1.42
N SER B 445 14.55 -40.94 0.37
CA SER B 445 13.55 -41.46 -0.55
C SER B 445 12.68 -42.54 0.08
N ASN B 446 13.16 -43.19 1.14
CA ASN B 446 12.32 -44.12 1.88
C ASN B 446 11.60 -43.41 3.02
N ALA B 447 12.25 -42.41 3.63
CA ALA B 447 11.69 -41.73 4.78
C ALA B 447 10.37 -41.05 4.48
N GLU B 448 10.10 -40.72 3.21
CA GLU B 448 8.79 -40.16 2.86
C GLU B 448 7.69 -41.19 3.09
N TRP B 449 8.03 -42.48 3.07
CA TRP B 449 7.04 -43.50 3.38
C TRP B 449 6.79 -43.60 4.88
N GLY B 450 7.84 -43.50 5.68
CA GLY B 450 7.67 -43.60 7.12
C GLY B 450 6.80 -42.49 7.68
N PHE B 451 7.10 -41.24 7.32
CA PHE B 451 6.27 -40.13 7.76
C PHE B 451 4.82 -40.31 7.33
N LEU B 452 4.60 -40.84 6.13
CA LEU B 452 3.24 -41.13 5.69
C LEU B 452 2.55 -42.08 6.66
N ALA B 453 3.26 -43.08 7.15
CA ALA B 453 2.68 -44.00 8.13
C ALA B 453 2.48 -43.33 9.49
N LEU B 454 3.37 -42.42 9.87
CA LEU B 454 3.25 -41.79 11.18
C LEU B 454 1.96 -40.99 11.30
N TYR B 455 1.65 -40.18 10.29
CA TYR B 455 0.37 -39.48 10.28
C TYR B 455 -0.79 -40.43 10.08
N MET B 456 -0.58 -41.56 9.40
CA MET B 456 -1.67 -42.50 9.17
C MET B 456 -2.18 -43.08 10.47
N LEU B 457 -1.31 -43.26 11.47
CA LEU B 457 -1.84 -43.61 12.82
C LEU B 457 -2.64 -42.50 13.58
N GLU B 458 -2.43 -41.29 13.18
CA GLU B 458 -3.23 -40.23 13.68
C GLU B 458 -4.70 -40.54 13.33
N ILE B 459 -4.82 -41.67 12.71
CA ILE B 459 -6.10 -42.27 12.35
C ILE B 459 -6.24 -43.53 13.23
N LEU B 460 -6.18 -43.11 14.47
CA LEU B 460 -6.30 -43.72 15.75
C LEU B 460 -6.81 -42.54 16.53
N LEU B 461 -7.83 -41.93 15.98
CA LEU B 461 -8.51 -40.80 16.42
C LEU B 461 -7.74 -39.85 17.28
N PHE B 477 -10.97 -28.14 13.99
CA PHE B 477 -10.84 -27.83 12.57
C PHE B 477 -9.85 -28.75 11.89
N TRP B 478 -8.71 -28.98 12.55
CA TRP B 478 -7.62 -29.71 11.92
C TRP B 478 -8.01 -31.14 11.56
N ASN B 479 -8.72 -31.83 12.44
CA ASN B 479 -9.14 -33.20 12.13
C ASN B 479 -9.89 -33.27 10.80
N TRP B 480 -10.54 -32.18 10.40
CA TRP B 480 -11.09 -32.13 9.06
C TRP B 480 -9.99 -31.97 8.03
N PHE B 481 -9.14 -30.96 8.21
CA PHE B 481 -8.07 -30.69 7.25
C PHE B 481 -6.99 -31.77 7.28
N ASP B 482 -6.54 -32.15 8.48
CA ASP B 482 -5.50 -33.16 8.60
C ASP B 482 -5.86 -34.45 7.87
N THR B 483 -7.10 -34.92 8.02
CA THR B 483 -7.49 -36.15 7.36
C THR B 483 -7.43 -36.03 5.85
N ILE B 484 -7.67 -34.83 5.30
CA ILE B 484 -7.65 -34.66 3.85
C ILE B 484 -6.25 -34.85 3.30
N ILE B 485 -5.24 -34.36 4.02
CA ILE B 485 -3.88 -34.37 3.50
C ILE B 485 -3.29 -35.78 3.54
N VAL B 486 -3.53 -36.51 4.62
CA VAL B 486 -2.89 -37.81 4.78
C VAL B 486 -3.39 -38.80 3.76
N VAL B 487 -4.70 -38.79 3.47
CA VAL B 487 -5.22 -39.71 2.46
C VAL B 487 -4.77 -39.27 1.08
N SER B 488 -4.61 -37.96 0.87
CA SER B 488 -4.08 -37.48 -0.40
C SER B 488 -2.59 -37.77 -0.51
N ALA B 489 -1.89 -37.89 0.62
CA ALA B 489 -0.48 -38.25 0.60
C ALA B 489 -0.26 -39.74 0.45
N LEU B 490 -1.27 -40.57 0.71
CA LEU B 490 -1.19 -41.99 0.39
C LEU B 490 -1.14 -42.25 -1.11
N PHE B 491 -1.24 -41.21 -1.92
CA PHE B 491 -1.04 -41.32 -3.35
C PHE B 491 0.43 -41.36 -3.73
N GLY B 492 1.32 -41.43 -2.74
CA GLY B 492 2.69 -41.81 -3.00
C GLY B 492 2.84 -43.22 -3.53
N THR B 493 1.79 -44.06 -3.40
CA THR B 493 1.77 -45.33 -4.09
C THR B 493 1.78 -45.13 -5.60
N ILE B 494 1.10 -44.09 -6.09
CA ILE B 494 1.15 -43.77 -7.50
C ILE B 494 2.58 -43.52 -7.96
N ILE B 495 3.40 -42.92 -7.09
CA ILE B 495 4.82 -42.77 -7.40
C ILE B 495 5.46 -44.13 -7.64
N ASN B 496 5.14 -45.12 -6.80
CA ASN B 496 5.69 -46.45 -7.00
C ASN B 496 5.19 -47.06 -8.30
N SER B 497 3.91 -46.88 -8.61
CA SER B 497 3.30 -47.50 -9.78
C SER B 497 3.47 -46.68 -11.05
N ALA B 498 4.19 -45.56 -11.01
CA ALA B 498 4.35 -44.75 -12.21
C ALA B 498 5.76 -44.21 -12.39
N LEU B 499 6.72 -44.60 -11.55
CA LEU B 499 8.10 -44.18 -11.74
C LEU B 499 9.04 -45.34 -12.04
N LYS B 500 9.09 -46.35 -11.19
CA LYS B 500 10.03 -47.44 -11.40
C LYS B 500 9.57 -48.38 -12.50
N HIS B 501 8.29 -48.36 -12.85
CA HIS B 501 7.77 -49.15 -13.95
C HIS B 501 6.45 -48.55 -14.40
N SER B 502 5.78 -49.26 -15.32
CA SER B 502 4.46 -48.87 -15.82
C SER B 502 4.46 -47.51 -16.50
N GLY B 503 5.64 -47.02 -16.88
CA GLY B 503 5.74 -45.75 -17.58
C GLY B 503 6.04 -44.58 -16.68
N GLY B 504 7.27 -44.07 -16.75
CA GLY B 504 7.66 -42.93 -15.95
C GLY B 504 7.54 -41.62 -16.69
N TYR B 505 6.55 -41.52 -17.57
CA TYR B 505 6.34 -40.33 -18.39
C TYR B 505 5.75 -39.16 -17.61
N THR B 506 5.35 -39.38 -16.36
CA THR B 506 4.73 -38.32 -15.56
C THR B 506 5.57 -38.07 -14.31
N SER B 507 6.89 -37.95 -14.49
CA SER B 507 7.79 -37.86 -13.34
C SER B 507 7.62 -36.53 -12.60
N ARG B 508 7.86 -35.41 -13.28
CA ARG B 508 7.82 -34.12 -12.61
C ARG B 508 6.42 -33.76 -12.14
N GLN B 509 5.40 -34.19 -12.87
CA GLN B 509 4.04 -33.72 -12.59
C GLN B 509 3.50 -34.29 -11.30
N VAL B 510 3.70 -35.59 -11.05
CA VAL B 510 3.11 -36.19 -9.86
C VAL B 510 3.90 -35.83 -8.62
N LEU B 511 5.21 -35.60 -8.75
CA LEU B 511 5.98 -35.11 -7.61
C LEU B 511 5.60 -33.70 -7.22
N ASP B 512 5.45 -32.81 -8.20
CA ASP B 512 5.03 -31.43 -7.94
C ASP B 512 3.62 -31.33 -7.38
N ILE B 513 2.91 -32.45 -7.27
CA ILE B 513 1.58 -32.46 -6.65
C ILE B 513 1.57 -33.24 -5.34
N VAL B 514 2.58 -34.05 -5.06
CA VAL B 514 2.68 -34.68 -3.75
C VAL B 514 3.53 -33.83 -2.81
N PHE B 515 4.57 -33.18 -3.33
CA PHE B 515 5.41 -32.32 -2.49
C PHE B 515 4.74 -31.01 -2.14
N ILE B 516 3.94 -30.44 -3.05
CA ILE B 516 3.09 -29.32 -2.69
C ILE B 516 2.03 -29.74 -1.68
N LEU B 517 1.94 -31.03 -1.40
CA LEU B 517 0.96 -31.58 -0.47
C LEU B 517 1.58 -32.00 0.86
N ARG B 518 2.82 -32.49 0.85
CA ARG B 518 3.51 -32.77 2.11
C ARG B 518 3.73 -31.49 2.89
N VAL B 519 4.16 -30.42 2.22
CA VAL B 519 4.46 -29.16 2.89
C VAL B 519 3.15 -28.50 3.32
N LEU B 520 2.02 -29.06 2.91
CA LEU B 520 0.73 -28.62 3.43
C LEU B 520 0.44 -29.19 4.80
N ARG B 521 1.02 -30.34 5.14
CA ARG B 521 0.93 -30.84 6.51
C ARG B 521 1.51 -29.84 7.49
N LEU B 522 2.53 -29.11 7.05
CA LEU B 522 3.27 -28.20 7.90
C LEU B 522 2.40 -27.12 8.50
N ILE B 523 1.31 -26.76 7.82
CA ILE B 523 0.45 -25.69 8.30
C ILE B 523 -0.19 -26.00 9.64
N ARG B 524 -0.29 -27.28 10.01
CA ARG B 524 -0.89 -27.61 11.29
C ARG B 524 0.10 -27.50 12.45
N VAL B 525 1.38 -27.25 12.16
CA VAL B 525 2.36 -27.02 13.20
C VAL B 525 2.05 -25.68 13.86
N VAL B 526 1.11 -24.93 13.27
CA VAL B 526 0.64 -23.68 13.87
C VAL B 526 -0.23 -23.92 15.09
N ASP B 527 -0.68 -25.16 15.32
CA ASP B 527 -1.39 -25.48 16.55
C ASP B 527 -0.55 -25.16 17.78
N SER B 528 0.77 -25.34 17.68
CA SER B 528 1.65 -25.11 18.82
C SER B 528 1.59 -23.67 19.32
N ILE B 529 0.97 -22.76 18.56
CA ILE B 529 0.78 -21.39 18.99
C ILE B 529 -0.66 -21.14 19.45
N LYS B 530 -1.54 -22.12 19.25
CA LYS B 530 -2.92 -22.06 19.73
C LYS B 530 -3.66 -20.89 19.06
N ARG B 531 -3.62 -20.89 17.73
CA ARG B 531 -4.20 -19.76 17.01
C ARG B 531 -4.93 -20.13 15.71
N PHE B 532 -5.33 -21.39 15.52
CA PHE B 532 -6.07 -21.74 14.32
C PHE B 532 -7.30 -22.63 14.56
N ARG B 533 -7.67 -22.87 15.82
CA ARG B 533 -9.05 -23.27 16.08
C ARG B 533 -9.94 -22.03 16.16
N ALA B 534 -9.33 -20.86 16.28
CA ALA B 534 -10.03 -19.58 16.32
C ALA B 534 -9.99 -18.83 14.99
N ILE B 535 -9.72 -19.53 13.88
CA ILE B 535 -9.80 -18.92 12.56
C ILE B 535 -11.09 -19.28 11.84
N ILE B 536 -11.67 -20.46 12.12
CA ILE B 536 -12.97 -20.82 11.54
C ILE B 536 -14.08 -19.91 12.02
N ASN B 537 -13.80 -19.03 12.98
CA ASN B 537 -14.72 -17.93 13.28
C ASN B 537 -14.43 -16.72 12.39
N THR B 538 -13.16 -16.40 12.16
CA THR B 538 -12.81 -15.45 11.10
C THR B 538 -13.07 -16.06 9.74
N LEU B 539 -13.16 -17.39 9.69
CA LEU B 539 -13.67 -18.15 8.55
C LEU B 539 -15.08 -18.65 8.84
N ILE B 540 -15.92 -17.78 9.42
CA ILE B 540 -17.25 -18.15 9.86
C ILE B 540 -18.01 -18.82 8.72
N LYS B 541 -19.05 -19.58 9.08
CA LYS B 541 -19.82 -20.38 8.13
C LYS B 541 -20.12 -19.55 6.89
N ILE B 542 -20.34 -20.24 5.77
CA ILE B 542 -19.70 -19.94 4.49
C ILE B 542 -19.38 -18.46 4.33
N GLY B 543 -20.30 -17.57 4.69
CA GLY B 543 -19.98 -16.17 4.76
C GLY B 543 -19.63 -15.59 3.40
N PRO B 544 -20.63 -15.44 2.55
CA PRO B 544 -20.37 -15.08 1.15
C PRO B 544 -19.71 -13.71 0.96
N THR B 545 -19.36 -13.03 2.06
CA THR B 545 -18.65 -11.76 1.93
C THR B 545 -17.34 -11.94 1.19
N ILE B 546 -16.51 -12.90 1.61
CA ILE B 546 -15.31 -13.22 0.87
C ILE B 546 -15.64 -13.81 -0.49
N LEU B 547 -16.82 -14.39 -0.64
CA LEU B 547 -17.29 -14.80 -1.97
C LEU B 547 -17.79 -13.62 -2.76
N THR B 548 -18.39 -12.63 -2.08
CA THR B 548 -18.87 -11.43 -2.78
C THR B 548 -17.70 -10.63 -3.36
N PHE B 549 -16.64 -10.45 -2.57
CA PHE B 549 -15.47 -9.78 -3.12
C PHE B 549 -14.77 -10.65 -4.16
N GLY B 550 -14.73 -11.96 -3.95
CA GLY B 550 -14.09 -12.84 -4.90
C GLY B 550 -14.70 -12.80 -6.28
N GLN B 551 -15.98 -12.44 -6.39
CA GLN B 551 -16.60 -12.20 -7.68
C GLN B 551 -16.65 -10.72 -8.04
N LEU B 552 -16.54 -9.84 -7.06
CA LEU B 552 -16.39 -8.42 -7.37
C LEU B 552 -15.10 -8.15 -8.12
N ILE B 553 -14.01 -8.84 -7.76
CA ILE B 553 -12.78 -8.73 -8.52
C ILE B 553 -12.91 -9.43 -9.87
N LEU B 554 -13.88 -10.34 -10.01
CA LEU B 554 -14.10 -10.99 -11.30
C LEU B 554 -14.89 -10.09 -12.24
N VAL B 555 -15.93 -9.43 -11.73
CA VAL B 555 -16.71 -8.53 -12.57
C VAL B 555 -15.83 -7.42 -13.13
N VAL B 556 -14.86 -6.95 -12.35
CA VAL B 556 -14.00 -5.88 -12.82
C VAL B 556 -12.96 -6.41 -13.80
N TYR B 557 -12.32 -7.53 -13.46
CA TYR B 557 -11.32 -8.10 -14.35
C TYR B 557 -11.94 -8.52 -15.68
N TYR B 558 -13.12 -9.14 -15.63
CA TYR B 558 -13.74 -9.61 -16.86
C TYR B 558 -14.13 -8.45 -17.76
N ILE B 559 -14.51 -7.32 -17.16
CA ILE B 559 -14.86 -6.17 -17.99
C ILE B 559 -13.62 -5.54 -18.60
N PHE B 560 -12.50 -5.54 -17.88
CA PHE B 560 -11.26 -5.01 -18.43
C PHE B 560 -10.55 -6.00 -19.33
N ALA B 561 -10.62 -7.29 -19.03
CA ALA B 561 -10.07 -8.28 -19.96
C ALA B 561 -10.82 -8.26 -21.28
N MET B 562 -12.15 -8.21 -21.23
CA MET B 562 -12.93 -8.13 -22.46
C MET B 562 -12.64 -6.86 -23.22
N VAL B 563 -12.63 -5.72 -22.53
CA VAL B 563 -12.30 -4.46 -23.20
C VAL B 563 -10.84 -4.46 -23.63
N GLY B 564 -9.95 -4.93 -22.77
CA GLY B 564 -8.53 -4.88 -23.07
C GLY B 564 -8.15 -5.75 -24.26
N MET B 565 -8.67 -6.96 -24.32
CA MET B 565 -8.24 -7.89 -25.35
C MET B 565 -8.88 -7.62 -26.70
N GLU B 566 -9.73 -6.61 -26.82
CA GLU B 566 -10.19 -6.16 -28.12
C GLU B 566 -9.39 -4.99 -28.67
N LEU B 567 -8.64 -4.29 -27.82
CA LEU B 567 -7.70 -3.27 -28.24
C LEU B 567 -6.30 -3.81 -28.51
N PHE B 568 -5.75 -4.56 -27.57
CA PHE B 568 -4.40 -5.09 -27.69
C PHE B 568 -4.44 -6.57 -27.96
N LYS B 569 -5.37 -6.99 -28.82
CA LYS B 569 -5.66 -8.41 -29.00
C LYS B 569 -4.41 -9.22 -29.29
N GLY B 570 -3.69 -8.89 -30.36
CA GLY B 570 -2.56 -9.70 -30.73
C GLY B 570 -1.33 -8.91 -31.08
N LYS B 571 -1.14 -7.78 -30.42
CA LYS B 571 0.00 -6.92 -30.74
C LYS B 571 1.32 -7.56 -30.33
N ILE B 572 1.43 -7.99 -29.08
CA ILE B 572 2.64 -8.64 -28.59
C ILE B 572 2.30 -10.09 -28.28
N GLN B 573 3.31 -10.95 -28.34
CA GLN B 573 3.04 -12.38 -28.21
C GLN B 573 4.27 -13.08 -27.68
N PHE B 574 4.07 -13.99 -26.73
CA PHE B 574 5.17 -14.76 -26.19
C PHE B 574 5.64 -15.78 -27.22
N PHE B 575 6.94 -15.77 -27.49
CA PHE B 575 7.55 -16.69 -28.44
C PHE B 575 8.33 -17.74 -27.67
N GLU B 576 8.29 -18.98 -28.17
CA GLU B 576 9.01 -20.06 -27.52
C GLU B 576 10.51 -19.83 -27.62
N PRO B 577 11.30 -20.37 -26.67
CA PRO B 577 12.74 -20.07 -26.67
C PRO B 577 13.45 -20.55 -27.92
N ASN B 578 12.92 -21.55 -28.62
CA ASN B 578 13.46 -22.02 -29.88
C ASN B 578 12.39 -21.77 -30.94
N SER B 579 12.38 -20.56 -31.49
CA SER B 579 11.37 -20.17 -32.46
C SER B 579 12.03 -19.40 -33.58
N THR B 580 11.22 -18.88 -34.49
CA THR B 580 11.70 -18.13 -35.64
C THR B 580 12.11 -16.73 -35.17
N SER B 581 13.40 -16.59 -34.84
CA SER B 581 13.93 -15.29 -34.45
C SER B 581 13.70 -14.20 -35.50
N PRO B 582 13.86 -14.45 -36.81
CA PRO B 582 13.58 -13.38 -37.79
C PRO B 582 12.16 -12.83 -37.73
N ASP B 583 11.25 -13.48 -37.00
CA ASP B 583 9.94 -12.92 -36.78
C ASP B 583 9.93 -11.93 -35.61
N ARG B 584 11.10 -11.42 -35.23
CA ARG B 584 11.23 -10.49 -34.12
C ARG B 584 10.70 -11.13 -32.83
N GLU B 585 11.41 -12.19 -32.44
CA GLU B 585 10.99 -13.01 -31.32
C GLU B 585 11.43 -12.46 -29.98
N TYR B 586 12.32 -11.48 -29.95
CA TYR B 586 12.77 -10.92 -28.69
C TYR B 586 11.73 -9.99 -28.06
N CYS B 587 10.76 -9.52 -28.82
CA CYS B 587 9.65 -8.75 -28.28
C CYS B 587 8.29 -9.23 -28.74
N GLY B 588 8.15 -9.66 -29.99
CA GLY B 588 6.87 -9.99 -30.56
C GLY B 588 6.56 -9.19 -31.81
N ASN B 589 6.90 -7.89 -31.79
CA ASN B 589 6.72 -7.01 -32.93
C ASN B 589 7.71 -5.86 -32.81
N PRO B 590 8.20 -5.32 -33.93
CA PRO B 590 9.39 -4.46 -33.89
C PRO B 590 9.20 -3.13 -33.19
N LEU B 591 7.97 -2.73 -32.86
CA LEU B 591 7.80 -1.48 -32.15
C LEU B 591 8.35 -1.54 -30.74
N LEU B 592 8.48 -2.74 -30.17
CA LEU B 592 9.23 -2.90 -28.93
C LEU B 592 10.67 -3.28 -29.24
N LYS B 593 11.30 -2.52 -30.13
CA LYS B 593 12.62 -2.90 -30.60
C LYS B 593 13.62 -2.94 -29.46
N SER B 594 13.72 -1.84 -28.72
CA SER B 594 14.50 -1.82 -27.49
C SER B 594 13.72 -0.96 -26.50
N THR B 595 12.85 -1.62 -25.74
CA THR B 595 12.09 -1.00 -24.67
C THR B 595 12.34 -1.79 -23.41
N SER B 596 11.76 -1.33 -22.30
CA SER B 596 11.87 -2.03 -21.04
C SER B 596 10.80 -3.09 -20.88
N PHE B 597 9.91 -3.22 -21.86
CA PHE B 597 8.95 -4.32 -21.93
C PHE B 597 9.56 -5.54 -22.57
N ALA B 598 10.13 -5.41 -23.76
CA ALA B 598 11.12 -6.37 -24.20
C ALA B 598 12.37 -6.22 -23.34
N LYS B 599 13.36 -7.08 -23.59
CA LYS B 599 14.59 -7.14 -22.80
C LYS B 599 14.31 -7.12 -21.30
N LEU B 600 13.09 -7.50 -20.93
CA LEU B 600 12.72 -7.75 -19.55
C LEU B 600 11.85 -8.99 -19.49
N ASN B 601 11.69 -9.69 -20.60
CA ASN B 601 10.96 -10.94 -20.76
C ASN B 601 9.47 -10.79 -20.54
N TYR B 602 8.95 -9.57 -20.45
CA TYR B 602 7.51 -9.40 -20.43
C TYR B 602 7.00 -9.69 -21.84
N CYS B 603 6.62 -10.93 -22.10
CA CYS B 603 5.94 -11.25 -23.35
C CYS B 603 4.72 -12.11 -23.14
N LYS B 604 4.66 -12.93 -22.10
CA LYS B 604 3.48 -13.70 -21.77
C LYS B 604 2.46 -12.89 -21.00
N ASN B 605 2.60 -11.57 -20.99
CA ASN B 605 1.64 -10.66 -20.38
C ASN B 605 0.69 -10.06 -21.40
N ASN B 606 0.72 -10.55 -22.63
CA ASN B 606 -0.14 -10.03 -23.67
C ASN B 606 -1.60 -10.21 -23.30
N PHE B 607 -2.47 -9.57 -24.08
CA PHE B 607 -3.91 -9.73 -23.95
C PHE B 607 -4.45 -10.78 -24.91
N ASN B 608 -3.62 -11.71 -25.35
CA ASN B 608 -3.95 -12.61 -26.45
C ASN B 608 -4.98 -13.67 -26.10
N ASP B 609 -5.41 -13.77 -24.84
CA ASP B 609 -6.44 -14.71 -24.43
C ASP B 609 -6.79 -14.41 -22.99
N VAL B 610 -8.01 -14.80 -22.59
CA VAL B 610 -8.52 -14.38 -21.30
C VAL B 610 -7.72 -14.97 -20.16
N ILE B 611 -7.00 -16.06 -20.39
CA ILE B 611 -6.16 -16.62 -19.35
C ILE B 611 -4.94 -15.73 -19.12
N SER B 612 -4.18 -15.47 -20.17
CA SER B 612 -3.02 -14.60 -20.05
C SER B 612 -3.40 -13.13 -20.00
N SER B 613 -4.68 -12.80 -20.14
CA SER B 613 -5.14 -11.44 -19.91
C SER B 613 -5.64 -11.24 -18.50
N PHE B 614 -6.07 -12.30 -17.81
CA PHE B 614 -6.36 -12.20 -16.39
C PHE B 614 -5.10 -12.21 -15.56
N ILE B 615 -4.04 -12.88 -16.02
CA ILE B 615 -2.76 -12.81 -15.34
C ILE B 615 -2.21 -11.40 -15.39
N LEU B 616 -2.25 -10.78 -16.58
CA LEU B 616 -1.74 -9.42 -16.72
C LEU B 616 -2.47 -8.45 -15.80
N LEU B 617 -3.79 -8.56 -15.72
CA LEU B 617 -4.52 -7.68 -14.83
C LEU B 617 -4.22 -7.96 -13.35
N LEU B 618 -3.62 -9.09 -13.02
CA LEU B 618 -3.13 -9.27 -11.66
C LEU B 618 -1.88 -8.44 -11.43
N GLU B 619 -0.84 -8.66 -12.23
CA GLU B 619 0.38 -7.88 -12.10
C GLU B 619 0.17 -6.41 -12.44
N LEU B 620 -0.99 -6.05 -12.97
CA LEU B 620 -1.43 -4.67 -13.02
C LEU B 620 -2.07 -4.26 -11.70
N THR B 621 -2.78 -5.17 -11.04
CA THR B 621 -3.37 -4.88 -9.75
C THR B 621 -2.29 -4.66 -8.71
N VAL B 622 -1.43 -5.64 -8.51
CA VAL B 622 -0.23 -5.45 -7.71
C VAL B 622 0.70 -4.54 -8.50
N VAL B 623 0.87 -3.30 -8.04
CA VAL B 623 1.17 -2.19 -8.93
C VAL B 623 2.63 -2.11 -9.35
N ASN B 624 3.44 -3.09 -8.97
CA ASN B 624 4.84 -3.02 -9.31
C ASN B 624 5.02 -3.07 -10.83
N GLN B 625 5.70 -2.07 -11.36
CA GLN B 625 6.05 -2.00 -12.77
C GLN B 625 4.83 -2.06 -13.67
N TRP B 626 3.74 -1.43 -13.24
CA TRP B 626 2.60 -1.28 -14.13
C TRP B 626 2.84 -0.21 -15.18
N HIS B 627 3.83 0.66 -14.97
CA HIS B 627 4.14 1.67 -15.97
C HIS B 627 4.96 1.10 -17.12
N VAL B 628 5.72 0.05 -16.88
CA VAL B 628 6.47 -0.59 -17.95
C VAL B 628 5.63 -1.63 -18.68
N LEU B 629 4.66 -2.24 -18.01
CA LEU B 629 3.67 -3.02 -18.73
C LEU B 629 2.81 -2.11 -19.60
N THR B 630 2.45 -0.95 -19.08
CA THR B 630 1.78 0.05 -19.90
C THR B 630 2.64 0.49 -21.06
N SER B 631 3.91 0.79 -20.83
CA SER B 631 4.80 1.28 -21.87
C SER B 631 5.08 0.25 -22.94
N GLY B 632 4.56 -0.96 -22.81
CA GLY B 632 4.72 -1.96 -23.83
C GLY B 632 3.48 -2.03 -24.69
N PHE B 633 2.37 -1.55 -24.13
CA PHE B 633 1.11 -1.52 -24.86
C PHE B 633 0.86 -0.16 -25.50
N THR B 634 1.50 0.89 -25.02
CA THR B 634 1.45 2.19 -25.68
C THR B 634 2.58 2.35 -26.68
N ALA B 635 3.41 1.33 -26.84
CA ALA B 635 4.42 1.32 -27.89
C ALA B 635 3.96 0.54 -29.12
N VAL B 636 3.00 -0.37 -28.96
CA VAL B 636 2.39 -1.05 -30.10
C VAL B 636 1.11 -0.39 -30.55
N THR B 637 0.45 0.36 -29.68
CA THR B 637 -0.75 1.13 -30.00
C THR B 637 -0.44 2.61 -29.74
N HIS B 638 -1.47 3.44 -29.80
CA HIS B 638 -1.29 4.85 -29.56
C HIS B 638 -0.99 5.13 -28.09
N VAL B 639 -0.37 6.28 -27.84
CA VAL B 639 -0.08 6.70 -26.47
C VAL B 639 -1.35 6.91 -25.66
N SER B 640 -2.50 7.05 -26.32
CA SER B 640 -3.75 7.21 -25.60
C SER B 640 -4.16 5.95 -24.87
N ALA B 641 -3.62 4.79 -25.24
CA ALA B 641 -3.88 3.56 -24.50
C ALA B 641 -3.44 3.65 -23.05
N ARG B 642 -2.62 4.64 -22.73
CA ARG B 642 -2.27 4.96 -21.36
C ARG B 642 -3.50 5.14 -20.48
N LEU B 643 -4.64 5.50 -21.07
CA LEU B 643 -5.85 5.70 -20.29
C LEU B 643 -6.46 4.38 -19.86
N PHE B 644 -6.28 3.32 -20.63
CA PHE B 644 -6.83 2.03 -20.23
C PHE B 644 -6.23 1.53 -18.94
N PHE B 645 -4.93 1.72 -18.75
CA PHE B 645 -4.26 1.26 -17.56
C PHE B 645 -4.34 2.25 -16.40
N VAL B 646 -4.43 3.54 -16.71
CA VAL B 646 -4.65 4.52 -15.65
C VAL B 646 -6.04 4.34 -15.06
N ILE B 647 -7.06 4.21 -15.92
CA ILE B 647 -8.41 3.94 -15.44
C ILE B 647 -8.44 2.63 -14.67
N PHE B 648 -7.71 1.62 -15.14
CA PHE B 648 -7.69 0.35 -14.42
C PHE B 648 -7.13 0.53 -13.02
N HIS B 649 -6.01 1.23 -12.90
CA HIS B 649 -5.44 1.45 -11.57
C HIS B 649 -6.40 2.25 -10.69
N ILE B 650 -7.13 3.20 -11.28
CA ILE B 650 -8.04 4.01 -10.48
C ILE B 650 -9.18 3.16 -9.92
N VAL B 651 -9.67 2.20 -10.71
CA VAL B 651 -10.84 1.43 -10.29
C VAL B 651 -10.47 0.17 -9.52
N VAL B 652 -9.29 -0.41 -9.76
CA VAL B 652 -8.87 -1.64 -9.11
C VAL B 652 -8.02 -1.35 -7.88
N VAL B 653 -6.93 -0.60 -8.06
CA VAL B 653 -6.02 -0.42 -6.94
C VAL B 653 -6.53 0.63 -5.95
N ILE B 654 -7.35 1.55 -6.40
CA ILE B 654 -7.77 2.64 -5.51
C ILE B 654 -9.10 2.34 -4.85
N ILE B 655 -10.05 1.73 -5.56
CA ILE B 655 -11.38 1.52 -5.00
C ILE B 655 -11.82 0.07 -5.07
N ILE B 656 -10.90 -0.87 -5.34
CA ILE B 656 -11.18 -2.28 -5.20
C ILE B 656 -10.22 -2.95 -4.23
N ILE B 657 -8.93 -2.63 -4.31
CA ILE B 657 -8.03 -3.14 -3.29
C ILE B 657 -8.32 -2.48 -1.95
N ASN B 658 -8.70 -1.20 -1.97
CA ASN B 658 -9.04 -0.53 -0.73
C ASN B 658 -10.36 -1.04 -0.16
N ILE B 659 -11.30 -1.49 -0.99
CA ILE B 659 -12.50 -2.09 -0.47
C ILE B 659 -12.22 -3.47 0.08
N PHE B 660 -11.04 -4.03 -0.24
CA PHE B 660 -10.61 -5.25 0.41
C PHE B 660 -9.94 -4.97 1.74
N VAL B 661 -9.00 -4.01 1.77
CA VAL B 661 -8.39 -3.61 3.03
C VAL B 661 -9.44 -3.10 4.00
N ALA B 662 -10.48 -2.43 3.49
CA ALA B 662 -11.56 -1.98 4.35
C ALA B 662 -12.29 -3.15 5.00
N PHE B 663 -12.24 -4.34 4.40
CA PHE B 663 -12.91 -5.48 5.00
C PHE B 663 -12.08 -6.07 6.13
N ILE B 664 -10.85 -6.47 5.85
CA ILE B 664 -10.01 -7.12 6.85
C ILE B 664 -9.51 -6.10 7.86
N LEU B 665 -9.91 -4.84 7.67
CA LEU B 665 -9.82 -3.84 8.73
C LEU B 665 -11.08 -3.85 9.58
N GLU B 666 -12.23 -3.82 8.93
CA GLU B 666 -13.49 -3.90 9.65
C GLU B 666 -13.64 -5.23 10.37
N ALA B 667 -13.29 -6.33 9.71
CA ALA B 667 -13.38 -7.64 10.34
C ALA B 667 -12.46 -7.78 11.53
N PHE B 668 -11.39 -6.99 11.61
CA PHE B 668 -10.46 -7.08 12.72
C PHE B 668 -10.89 -6.24 13.92
N LEU B 669 -11.39 -5.03 13.69
CA LEU B 669 -11.73 -4.15 14.80
C LEU B 669 -13.10 -4.50 15.40
N VAL B 670 -14.15 -4.39 14.60
CA VAL B 670 -15.51 -4.62 15.10
C VAL B 670 -15.79 -6.11 14.89
N GLU B 671 -15.32 -6.90 15.86
CA GLU B 671 -15.64 -8.32 15.92
C GLU B 671 -15.95 -8.75 17.35
N TYR B 672 -15.99 -7.82 18.29
CA TYR B 672 -16.19 -8.13 19.69
C TYR B 672 -17.65 -8.00 20.07
NA NA C . 5.47 -0.98 -5.49
#